data_8QZ4
#
_entry.id   8QZ4
#
_cell.length_a   68.28
_cell.length_b   75.576
_cell.length_c   259.15
_cell.angle_alpha   90
_cell.angle_beta   90
_cell.angle_gamma   90
#
_symmetry.space_group_name_H-M   'P 21 21 21'
#
loop_
_entity.id
_entity.type
_entity.pdbx_description
1 polymer 'Potassium channel subfamily K member 10'
2 polymer 'Nanobody 76'
3 non-polymer 'BARIUM ION'
4 non-polymer 'CHOLESTEROL HEMISUCCINATE'
5 water water
#
loop_
_entity_poly.entity_id
_entity_poly.type
_entity_poly.pdbx_seq_one_letter_code
_entity_poly.pdbx_strand_id
1 'polypeptide(L)'
;MGLQTVMKWKTVVAIFVVVVVYLVTGGLVFRALEQPFESSQKNTIALEKAEFLRDHVCVSPQELETLIQHALDADNAGVS
PIGNSSNNSSHWDLGSAFFFAGTVITTIGYGNIAPSTEGGKIFCILYAIFGIPLFGFLLAGIGDQLGTIFGKSIARVEKV
FRKKQVSQTKIRVISTILFILAGCIVFVTIPAVIFKYIEGWTALESIYFVVVTLTTVGFGDFVAGGNAGINYREWYKPLV
WFWILVGLAYFAAVLSMIGDWLRVLSKKTKEEVGEAENLYFQ
;
A,B
2 'polypeptide(L)'
;QVQLVESGGGLVQPGRSLRLSCAASGYIFSSATMAWYRQAPGKQRELVASITRASNTVYADSVKGRFTISRDNGKNTVYL
QMNSLKPEDTAVYYCNVWSRGYWGQGTQVTVSSHHHHHHEPEA
;
C,D
#
# COMPACT_ATOMS: atom_id res chain seq x y z
N VAL A 6 -28.67 -22.84 11.66
CA VAL A 6 -29.03 -22.11 12.86
C VAL A 6 -29.87 -20.86 12.52
N MET A 7 -29.37 -20.01 11.61
CA MET A 7 -30.07 -18.80 11.20
C MET A 7 -30.88 -19.05 9.93
N LYS A 8 -32.18 -18.74 9.95
CA LYS A 8 -33.05 -18.93 8.79
C LYS A 8 -32.70 -17.96 7.65
N TRP A 9 -32.88 -18.40 6.39
CA TRP A 9 -32.59 -17.64 5.17
C TRP A 9 -33.37 -16.32 5.10
N LYS A 10 -34.55 -16.26 5.73
CA LYS A 10 -35.37 -15.04 5.76
C LYS A 10 -34.65 -13.94 6.54
N THR A 11 -33.99 -14.31 7.65
CA THR A 11 -33.24 -13.36 8.47
C THR A 11 -31.93 -12.96 7.78
N VAL A 12 -31.28 -13.92 7.11
CA VAL A 12 -30.03 -13.73 6.38
C VAL A 12 -30.22 -12.76 5.21
N VAL A 13 -31.28 -12.94 4.42
CA VAL A 13 -31.55 -12.05 3.29
C VAL A 13 -31.94 -10.63 3.77
N ALA A 14 -32.57 -10.52 4.95
CA ALA A 14 -32.93 -9.24 5.54
C ALA A 14 -31.67 -8.52 6.01
N ILE A 15 -30.75 -9.25 6.65
CA ILE A 15 -29.48 -8.70 7.12
C ILE A 15 -28.58 -8.29 5.93
N PHE A 16 -28.68 -9.02 4.80
CA PHE A 16 -27.91 -8.71 3.61
C PHE A 16 -28.34 -7.38 3.00
N VAL A 17 -29.65 -7.10 3.01
CA VAL A 17 -30.18 -5.85 2.47
C VAL A 17 -29.69 -4.68 3.34
N VAL A 18 -29.71 -4.86 4.66
CA VAL A 18 -29.23 -3.86 5.62
C VAL A 18 -27.76 -3.50 5.33
N VAL A 19 -26.91 -4.51 5.09
CA VAL A 19 -25.50 -4.29 4.79
C VAL A 19 -25.32 -3.58 3.44
N VAL A 20 -26.12 -3.93 2.41
CA VAL A 20 -26.03 -3.25 1.12
C VAL A 20 -26.44 -1.78 1.26
N VAL A 21 -27.47 -1.50 2.07
CA VAL A 21 -27.93 -0.13 2.33
C VAL A 21 -26.81 0.64 3.03
N TYR A 22 -26.18 0.03 4.03
CA TYR A 22 -25.08 0.59 4.81
C TYR A 22 -23.88 0.91 3.92
N LEU A 23 -23.62 0.04 2.92
CA LEU A 23 -22.50 0.21 1.99
C LEU A 23 -22.76 1.32 0.99
N VAL A 24 -24.00 1.44 0.49
CA VAL A 24 -24.36 2.49 -0.45
C VAL A 24 -24.42 3.85 0.28
N THR A 25 -24.95 3.86 1.51
CA THR A 25 -25.04 5.06 2.34
C THR A 25 -23.64 5.54 2.69
N GLY A 26 -22.78 4.61 3.10
CA GLY A 26 -21.40 4.90 3.46
C GLY A 26 -20.60 5.43 2.28
N GLY A 27 -20.82 4.83 1.12
CA GLY A 27 -20.16 5.24 -0.11
C GLY A 27 -20.50 6.65 -0.52
N LEU A 28 -21.76 7.07 -0.28
CA LEU A 28 -22.22 8.42 -0.59
C LEU A 28 -21.58 9.44 0.34
N VAL A 29 -21.42 9.09 1.61
CA VAL A 29 -20.78 9.97 2.59
C VAL A 29 -19.29 10.10 2.25
N PHE A 30 -18.65 8.97 1.91
CA PHE A 30 -17.23 8.96 1.56
C PHE A 30 -16.97 9.75 0.27
N ARG A 31 -17.87 9.68 -0.72
CA ARG A 31 -17.70 10.42 -1.96
C ARG A 31 -17.81 11.93 -1.72
N ALA A 32 -18.80 12.35 -0.95
CA ALA A 32 -19.00 13.77 -0.64
C ALA A 32 -17.85 14.34 0.19
N LEU A 33 -17.26 13.53 1.06
CA LEU A 33 -16.16 13.97 1.91
C LEU A 33 -14.80 13.96 1.22
N GLU A 34 -14.61 13.06 0.23
CA GLU A 34 -13.32 12.91 -0.42
C GLU A 34 -13.16 13.45 -1.83
N GLN A 35 -14.16 13.27 -2.71
CA GLN A 35 -14.05 13.69 -4.11
C GLN A 35 -13.67 15.18 -4.33
N PRO A 36 -14.24 16.17 -3.60
CA PRO A 36 -13.82 17.57 -3.85
C PRO A 36 -12.34 17.80 -3.52
N PHE A 37 -11.86 17.21 -2.41
CA PHE A 37 -10.47 17.33 -1.99
C PHE A 37 -9.54 16.56 -2.94
N GLU A 38 -10.01 15.43 -3.49
CA GLU A 38 -9.27 14.61 -4.44
C GLU A 38 -9.06 15.36 -5.74
N SER A 39 -10.08 16.10 -6.20
CA SER A 39 -9.99 16.91 -7.41
C SER A 39 -9.02 18.08 -7.22
N SER A 40 -8.98 18.65 -6.00
CA SER A 40 -8.09 19.73 -5.61
C SER A 40 -6.65 19.23 -5.57
N GLN A 41 -6.43 18.02 -5.02
CA GLN A 41 -5.11 17.41 -4.94
C GLN A 41 -4.59 16.99 -6.31
N LYS A 42 -5.48 16.51 -7.18
CA LYS A 42 -5.08 16.10 -8.53
C LYS A 42 -4.76 17.29 -9.45
N ASN A 43 -5.14 18.51 -9.07
CA ASN A 43 -4.82 19.70 -9.85
C ASN A 43 -3.42 20.19 -9.46
N THR A 44 -3.09 20.17 -8.16
CA THR A 44 -1.79 20.61 -7.68
C THR A 44 -0.68 19.65 -8.09
N ILE A 45 -0.96 18.35 -8.25
CA ILE A 45 0.05 17.39 -8.69
C ILE A 45 0.40 17.64 -10.17
N ALA A 46 -0.59 18.00 -10.99
CA ALA A 46 -0.38 18.31 -12.40
C ALA A 46 0.45 19.59 -12.54
N LEU A 47 0.16 20.60 -11.69
CA LEU A 47 0.87 21.87 -11.67
C LEU A 47 2.34 21.66 -11.30
N GLU A 48 2.59 20.76 -10.34
CA GLU A 48 3.95 20.45 -9.88
C GLU A 48 4.74 19.76 -10.99
N LYS A 49 4.10 18.84 -11.72
CA LYS A 49 4.74 18.14 -12.82
C LYS A 49 5.03 19.10 -13.96
N ALA A 50 4.11 20.03 -14.25
CA ALA A 50 4.30 21.01 -15.31
C ALA A 50 5.43 21.98 -14.97
N GLU A 51 5.50 22.42 -13.71
CA GLU A 51 6.57 23.33 -13.25
C GLU A 51 7.92 22.61 -13.23
N PHE A 52 7.93 21.29 -12.97
CA PHE A 52 9.16 20.52 -13.00
C PHE A 52 9.67 20.45 -14.44
N LEU A 53 8.77 20.20 -15.40
CA LEU A 53 9.14 20.14 -16.82
C LEU A 53 9.67 21.47 -17.32
N ARG A 54 9.18 22.59 -16.77
CA ARG A 54 9.65 23.92 -17.14
C ARG A 54 11.05 24.17 -16.58
N ASP A 55 11.29 23.69 -15.35
CA ASP A 55 12.59 23.82 -14.69
C ASP A 55 13.65 22.84 -15.21
N HIS A 56 13.24 21.78 -15.92
CA HIS A 56 14.17 20.80 -16.46
C HIS A 56 13.83 20.49 -17.89
N VAL A 57 14.16 21.42 -18.81
CA VAL A 57 13.89 21.37 -20.24
C VAL A 57 14.39 20.09 -20.91
N CYS A 58 15.54 19.56 -20.45
CA CYS A 58 16.13 18.33 -21.00
C CYS A 58 15.28 17.07 -20.74
N VAL A 59 14.20 17.17 -19.95
CA VAL A 59 13.31 16.05 -19.66
C VAL A 59 11.95 16.26 -20.31
N SER A 60 11.57 15.38 -21.25
CA SER A 60 10.28 15.46 -21.95
C SER A 60 9.14 14.94 -21.06
N PRO A 61 7.89 15.38 -21.29
CA PRO A 61 6.78 14.91 -20.44
C PRO A 61 6.63 13.39 -20.41
N GLN A 62 6.84 12.71 -21.56
CA GLN A 62 6.73 11.25 -21.60
C GLN A 62 7.86 10.57 -20.82
N GLU A 63 9.05 11.20 -20.77
CA GLU A 63 10.19 10.68 -20.01
C GLU A 63 9.92 10.85 -18.52
N LEU A 64 9.32 11.99 -18.12
CA LEU A 64 8.97 12.23 -16.72
C LEU A 64 7.89 11.23 -16.29
N GLU A 65 6.89 11.02 -17.15
CA GLU A 65 5.80 10.09 -16.87
C GLU A 65 6.28 8.65 -16.81
N THR A 66 7.27 8.29 -17.64
CA THR A 66 7.85 6.95 -17.61
C THR A 66 8.59 6.75 -16.29
N LEU A 67 9.36 7.76 -15.87
CA LEU A 67 10.11 7.74 -14.62
C LEU A 67 9.19 7.62 -13.41
N ILE A 68 8.12 8.43 -13.35
CA ILE A 68 7.18 8.38 -12.24
C ILE A 68 6.49 7.01 -12.17
N GLN A 69 6.04 6.48 -13.32
CA GLN A 69 5.39 5.17 -13.38
C GLN A 69 6.36 4.06 -12.99
N HIS A 70 7.61 4.16 -13.46
CA HIS A 70 8.67 3.20 -13.16
C HIS A 70 8.98 3.18 -11.66
N ALA A 71 8.96 4.35 -11.01
CA ALA A 71 9.24 4.43 -9.58
C ALA A 71 8.08 3.88 -8.76
N LEU A 72 6.84 4.14 -9.19
CA LEU A 72 5.66 3.66 -8.48
C LEU A 72 5.53 2.15 -8.61
N ASP A 73 5.76 1.61 -9.81
CA ASP A 73 5.66 0.18 -10.03
C ASP A 73 6.78 -0.61 -9.36
N ALA A 74 7.98 0.00 -9.24
CA ALA A 74 9.08 -0.66 -8.55
C ALA A 74 8.80 -0.66 -7.04
N ASP A 75 8.26 0.44 -6.51
CA ASP A 75 7.92 0.53 -5.09
C ASP A 75 6.83 -0.47 -4.73
N ASN A 76 5.82 -0.61 -5.61
CA ASN A 76 4.73 -1.56 -5.43
C ASN A 76 5.22 -3.01 -5.53
N ALA A 77 6.30 -3.26 -6.30
CA ALA A 77 6.87 -4.59 -6.46
C ALA A 77 7.86 -5.01 -5.35
N GLY A 78 8.05 -4.17 -4.34
CA GLY A 78 8.92 -4.50 -3.22
C GLY A 78 10.25 -3.78 -3.16
N VAL A 79 10.69 -3.17 -4.28
CA VAL A 79 11.97 -2.45 -4.29
C VAL A 79 11.76 -0.93 -4.21
N SER A 80 12.27 -0.31 -3.13
CA SER A 80 12.13 1.13 -2.95
C SER A 80 13.06 1.88 -3.89
N PRO A 81 12.50 2.82 -4.68
CA PRO A 81 13.36 3.58 -5.61
C PRO A 81 14.06 4.79 -4.97
N ILE A 82 14.10 4.87 -3.63
CA ILE A 82 14.71 5.98 -2.91
C ILE A 82 16.01 5.54 -2.25
N GLY A 83 17.03 6.38 -2.35
CA GLY A 83 18.33 6.09 -1.76
C GLY A 83 19.21 5.23 -2.64
N ASN A 84 20.29 4.69 -2.06
CA ASN A 84 21.21 3.85 -2.81
C ASN A 84 21.34 2.46 -2.20
N SER A 89 19.08 0.88 3.96
CA SER A 89 17.76 0.86 4.59
C SER A 89 16.89 -0.28 4.04
N SER A 90 17.22 -1.52 4.41
CA SER A 90 16.47 -2.69 3.96
C SER A 90 15.27 -2.95 4.85
N HIS A 91 14.09 -3.18 4.25
CA HIS A 91 12.90 -3.50 5.04
C HIS A 91 12.66 -5.01 5.20
N TRP A 92 13.68 -5.84 4.91
CA TRP A 92 13.58 -7.28 5.10
C TRP A 92 14.58 -7.82 6.15
N ASP A 93 15.22 -6.92 6.93
CA ASP A 93 16.12 -7.30 8.02
C ASP A 93 15.28 -7.97 9.13
N LEU A 94 15.90 -8.82 9.97
CA LEU A 94 15.21 -9.56 11.04
C LEU A 94 14.22 -8.70 11.85
N GLY A 95 14.57 -7.44 12.10
CA GLY A 95 13.73 -6.51 12.83
C GLY A 95 12.41 -6.24 12.14
N SER A 96 12.47 -5.75 10.90
CA SER A 96 11.25 -5.46 10.12
C SER A 96 10.52 -6.73 9.68
N ALA A 97 11.25 -7.84 9.50
CA ALA A 97 10.66 -9.12 9.11
C ALA A 97 9.86 -9.72 10.24
N PHE A 98 10.30 -9.54 11.50
CA PHE A 98 9.58 -10.03 12.67
C PHE A 98 8.25 -9.26 12.77
N PHE A 99 8.29 -7.94 12.55
CA PHE A 99 7.09 -7.12 12.61
C PHE A 99 6.17 -7.36 11.42
N PHE A 100 6.71 -7.75 10.26
CA PHE A 100 5.89 -8.10 9.10
C PHE A 100 5.13 -9.38 9.42
N ALA A 101 5.83 -10.39 9.98
CA ALA A 101 5.20 -11.66 10.37
C ALA A 101 4.03 -11.44 11.34
N GLY A 102 4.10 -10.39 12.16
CA GLY A 102 3.05 -10.03 13.09
C GLY A 102 1.81 -9.55 12.38
N THR A 103 1.96 -8.72 11.33
CA THR A 103 0.84 -8.22 10.55
C THR A 103 0.08 -9.36 9.84
N VAL A 104 0.75 -10.49 9.58
CA VAL A 104 0.14 -11.65 8.95
C VAL A 104 -0.75 -12.40 9.95
N ILE A 105 -0.21 -12.76 11.13
CA ILE A 105 -0.98 -13.51 12.12
C ILE A 105 -2.07 -12.66 12.80
N THR A 106 -1.87 -11.34 12.87
CA THR A 106 -2.90 -10.47 13.46
C THR A 106 -3.96 -10.03 12.42
N THR A 107 -3.77 -10.36 11.12
CA THR A 107 -4.62 -10.01 9.97
C THR A 107 -4.73 -8.49 9.75
N ILE A 108 -3.80 -7.70 10.32
CA ILE A 108 -3.78 -6.26 10.14
C ILE A 108 -3.30 -5.97 8.71
N GLY A 109 -2.18 -6.61 8.33
CA GLY A 109 -1.58 -6.53 7.00
C GLY A 109 -1.55 -5.16 6.40
N TYR A 110 -0.62 -4.31 6.86
CA TYR A 110 -0.49 -2.94 6.36
C TYR A 110 -0.16 -2.92 4.88
N GLY A 111 0.72 -3.82 4.45
CA GLY A 111 1.13 -3.91 3.06
C GLY A 111 2.36 -3.11 2.70
N ASN A 112 2.90 -2.32 3.66
CA ASN A 112 4.11 -1.52 3.50
C ASN A 112 5.29 -2.45 3.12
N ILE A 113 5.33 -3.64 3.74
CA ILE A 113 6.28 -4.70 3.45
C ILE A 113 5.42 -5.91 3.01
N ALA A 114 5.77 -6.52 1.87
CA ALA A 114 5.01 -7.66 1.34
C ALA A 114 5.94 -8.57 0.51
N PRO A 115 5.70 -9.90 0.50
CA PRO A 115 6.58 -10.79 -0.25
C PRO A 115 6.61 -10.57 -1.77
N SER A 116 7.83 -10.44 -2.32
CA SER A 116 8.10 -10.23 -3.73
C SER A 116 8.61 -11.52 -4.40
N THR A 117 9.31 -12.37 -3.64
CA THR A 117 9.85 -13.64 -4.14
C THR A 117 8.72 -14.67 -4.24
N GLU A 118 8.82 -15.61 -5.18
CA GLU A 118 7.83 -16.68 -5.34
C GLU A 118 7.79 -17.55 -4.07
N GLY A 119 8.96 -17.82 -3.49
CA GLY A 119 9.06 -18.60 -2.26
C GLY A 119 8.45 -17.91 -1.06
N GLY A 120 8.57 -16.60 -1.02
CA GLY A 120 8.00 -15.78 0.05
C GLY A 120 6.48 -15.74 0.00
N LYS A 121 5.91 -15.82 -1.20
CA LYS A 121 4.45 -15.83 -1.37
C LYS A 121 3.89 -17.19 -0.94
N ILE A 122 4.61 -18.30 -1.25
CA ILE A 122 4.20 -19.64 -0.86
C ILE A 122 4.26 -19.76 0.67
N PHE A 123 5.34 -19.25 1.28
CA PHE A 123 5.49 -19.32 2.73
C PHE A 123 4.44 -18.48 3.44
N CYS A 124 4.10 -17.31 2.88
CA CYS A 124 3.09 -16.41 3.47
C CYS A 124 1.69 -17.03 3.48
N ILE A 125 1.37 -17.86 2.48
CA ILE A 125 0.09 -18.55 2.41
C ILE A 125 -0.01 -19.54 3.57
N LEU A 126 1.04 -20.34 3.76
CA LEU A 126 1.09 -21.32 4.85
C LEU A 126 1.19 -20.67 6.22
N TYR A 127 1.85 -19.51 6.30
CA TYR A 127 2.06 -18.77 7.53
C TYR A 127 0.74 -18.23 8.08
N ALA A 128 -0.17 -17.79 7.20
CA ALA A 128 -1.45 -17.28 7.63
C ALA A 128 -2.41 -18.42 7.98
N ILE A 129 -2.39 -19.52 7.20
CA ILE A 129 -3.23 -20.69 7.40
C ILE A 129 -3.12 -21.25 8.82
N PHE A 130 -1.90 -21.39 9.34
CA PHE A 130 -1.71 -21.90 10.70
C PHE A 130 -1.46 -20.79 11.73
N GLY A 131 -0.94 -19.65 11.28
CA GLY A 131 -0.63 -18.53 12.15
C GLY A 131 -1.81 -17.73 12.67
N ILE A 132 -2.83 -17.51 11.81
CA ILE A 132 -4.02 -16.77 12.22
C ILE A 132 -4.79 -17.51 13.34
N PRO A 133 -5.09 -18.83 13.23
CA PRO A 133 -5.76 -19.52 14.34
C PRO A 133 -4.88 -19.68 15.58
N LEU A 134 -3.54 -19.74 15.40
CA LEU A 134 -2.58 -19.83 16.50
C LEU A 134 -2.60 -18.52 17.29
N PHE A 135 -2.67 -17.37 16.58
CA PHE A 135 -2.74 -16.06 17.23
C PHE A 135 -4.09 -15.84 17.90
N GLY A 136 -5.16 -16.38 17.32
CA GLY A 136 -6.50 -16.28 17.87
C GLY A 136 -6.62 -16.90 19.25
N PHE A 137 -5.87 -17.98 19.49
CA PHE A 137 -5.86 -18.63 20.80
C PHE A 137 -5.18 -17.73 21.83
N LEU A 138 -4.11 -17.03 21.44
CA LEU A 138 -3.38 -16.10 22.30
C LEU A 138 -4.26 -14.88 22.60
N LEU A 139 -4.93 -14.34 21.57
CA LEU A 139 -5.80 -13.18 21.73
C LEU A 139 -7.00 -13.46 22.62
N ALA A 140 -7.47 -14.71 22.64
CA ALA A 140 -8.57 -15.12 23.51
C ALA A 140 -8.10 -15.11 24.98
N GLY A 141 -6.88 -15.59 25.21
CA GLY A 141 -6.27 -15.62 26.53
C GLY A 141 -5.94 -14.24 27.05
N ILE A 142 -5.52 -13.33 26.16
CA ILE A 142 -5.22 -11.95 26.56
C ILE A 142 -6.52 -11.24 26.98
N GLY A 143 -7.61 -11.52 26.27
CA GLY A 143 -8.93 -10.96 26.56
C GLY A 143 -9.48 -11.45 27.89
N ASP A 144 -9.18 -12.71 28.24
CA ASP A 144 -9.60 -13.30 29.51
C ASP A 144 -8.79 -12.72 30.66
N GLN A 145 -7.49 -12.47 30.43
CA GLN A 145 -6.60 -11.88 31.42
C GLN A 145 -7.01 -10.42 31.67
N LEU A 146 -7.40 -9.68 30.62
CA LEU A 146 -7.85 -8.30 30.74
C LEU A 146 -9.22 -8.21 31.43
N GLY A 147 -10.07 -9.20 31.18
CA GLY A 147 -11.39 -9.31 31.80
C GLY A 147 -11.29 -9.68 33.27
N THR A 148 -10.28 -10.49 33.63
CA THR A 148 -10.02 -10.88 35.01
C THR A 148 -9.42 -9.70 35.78
N ILE A 149 -8.55 -8.89 35.12
CA ILE A 149 -7.96 -7.69 35.71
C ILE A 149 -9.07 -6.65 35.94
N PHE A 150 -10.00 -6.51 34.98
CA PHE A 150 -11.12 -5.59 35.13
C PHE A 150 -12.13 -6.08 36.19
N GLY A 151 -12.32 -7.39 36.25
CA GLY A 151 -13.21 -8.01 37.22
C GLY A 151 -12.72 -7.86 38.65
N LYS A 152 -11.39 -7.83 38.82
CA LYS A 152 -10.75 -7.63 40.13
C LYS A 152 -10.89 -6.17 40.56
N SER A 153 -10.80 -5.23 39.60
CA SER A 153 -10.94 -3.80 39.88
C SER A 153 -12.41 -3.43 40.14
N ILE A 154 -13.34 -4.08 39.41
CA ILE A 154 -14.78 -3.86 39.56
C ILE A 154 -15.33 -4.41 40.87
N ALA A 155 -14.68 -5.45 41.43
CA ALA A 155 -15.09 -6.05 42.71
C ALA A 155 -14.91 -5.07 43.87
N ARG A 156 -13.86 -4.25 43.80
CA ARG A 156 -13.53 -3.22 44.79
C ARG A 156 -14.54 -2.08 44.73
N VAL A 157 -15.01 -1.74 43.51
CA VAL A 157 -16.01 -0.68 43.31
C VAL A 157 -17.40 -1.13 43.78
N GLU A 158 -17.70 -2.43 43.76
CA GLU A 158 -18.99 -2.95 44.21
C GLU A 158 -19.09 -2.96 45.73
N ARG A 172 -24.21 -3.20 36.64
CA ARG A 172 -23.64 -3.74 35.40
C ARG A 172 -23.56 -2.69 34.30
N VAL A 173 -24.54 -1.76 34.27
CA VAL A 173 -24.59 -0.66 33.29
C VAL A 173 -23.44 0.31 33.52
N ILE A 174 -23.19 0.68 34.79
CA ILE A 174 -22.09 1.58 35.15
C ILE A 174 -20.74 0.91 34.88
N SER A 175 -20.66 -0.42 35.15
CA SER A 175 -19.45 -1.22 34.93
C SER A 175 -19.08 -1.31 33.45
N THR A 176 -20.08 -1.43 32.56
CA THR A 176 -19.80 -1.50 31.11
C THR A 176 -19.32 -0.15 30.59
N ILE A 177 -19.88 0.95 31.11
CA ILE A 177 -19.45 2.29 30.71
C ILE A 177 -18.04 2.57 31.24
N LEU A 178 -17.71 2.07 32.44
CA LEU A 178 -16.39 2.22 33.05
C LEU A 178 -15.35 1.40 32.28
N PHE A 179 -15.71 0.18 31.85
CA PHE A 179 -14.80 -0.66 31.07
C PHE A 179 -14.46 0.00 29.74
N ILE A 180 -15.46 0.59 29.09
CA ILE A 180 -15.27 1.25 27.81
C ILE A 180 -14.46 2.54 27.97
N LEU A 181 -14.79 3.37 28.97
CA LEU A 181 -14.08 4.62 29.21
C LEU A 181 -12.63 4.43 29.64
N ALA A 182 -12.38 3.58 30.64
CA ALA A 182 -11.00 3.34 31.10
C ALA A 182 -10.16 2.65 30.04
N GLY A 183 -10.78 1.76 29.26
CA GLY A 183 -10.10 1.07 28.19
C GLY A 183 -9.72 2.03 27.08
N CYS A 184 -10.62 2.98 26.77
CA CYS A 184 -10.35 4.01 25.76
C CYS A 184 -9.20 4.93 26.17
N ILE A 185 -8.95 5.08 27.47
CA ILE A 185 -7.86 5.91 27.95
C ILE A 185 -6.51 5.21 27.77
N VAL A 186 -6.35 3.99 28.31
CA VAL A 186 -5.09 3.27 28.24
C VAL A 186 -4.78 2.64 26.87
N PHE A 187 -5.79 2.26 26.08
CA PHE A 187 -5.54 1.63 24.78
C PHE A 187 -5.72 2.53 23.57
N VAL A 188 -6.44 3.66 23.70
CA VAL A 188 -6.68 4.53 22.55
C VAL A 188 -6.06 5.93 22.72
N THR A 189 -6.44 6.70 23.74
CA THR A 189 -5.93 8.06 23.92
C THR A 189 -4.44 8.12 24.30
N ILE A 190 -4.04 7.43 25.40
CA ILE A 190 -2.64 7.41 25.85
C ILE A 190 -1.67 7.00 24.71
N PRO A 191 -1.90 5.90 23.97
CA PRO A 191 -0.98 5.57 22.86
C PRO A 191 -0.99 6.61 21.74
N ALA A 192 -2.17 7.16 21.39
CA ALA A 192 -2.27 8.17 20.34
C ALA A 192 -1.54 9.46 20.69
N VAL A 193 -1.49 9.81 21.98
CA VAL A 193 -0.75 10.99 22.42
C VAL A 193 0.75 10.77 22.17
N ILE A 194 1.25 9.56 22.48
CA ILE A 194 2.64 9.16 22.26
C ILE A 194 2.95 9.18 20.76
N PHE A 195 2.03 8.65 19.93
CA PHE A 195 2.19 8.63 18.47
C PHE A 195 2.26 10.03 17.88
N LYS A 196 1.52 10.99 18.47
CA LYS A 196 1.53 12.37 18.00
C LYS A 196 2.88 13.02 18.32
N TYR A 197 3.39 12.78 19.53
CA TYR A 197 4.67 13.34 19.97
C TYR A 197 5.90 12.64 19.38
N ILE A 198 5.72 11.46 18.75
CA ILE A 198 6.85 10.73 18.18
C ILE A 198 6.84 10.76 16.65
N GLU A 199 5.73 10.32 16.02
CA GLU A 199 5.64 10.28 14.57
C GLU A 199 5.35 11.62 13.88
N GLY A 200 4.96 12.62 14.65
CA GLY A 200 4.61 13.93 14.10
C GLY A 200 3.25 13.94 13.41
N TRP A 201 2.36 13.02 13.81
CA TRP A 201 1.01 12.94 13.26
C TRP A 201 0.09 13.87 14.07
N THR A 202 -0.99 14.37 13.44
CA THR A 202 -1.94 15.21 14.16
C THR A 202 -2.81 14.37 15.11
N ALA A 203 -3.52 15.00 16.05
CA ALA A 203 -4.37 14.30 17.02
C ALA A 203 -5.39 13.39 16.33
N LEU A 204 -5.94 13.84 15.19
CA LEU A 204 -6.90 13.07 14.43
C LEU A 204 -6.24 11.90 13.71
N GLU A 205 -5.10 12.14 13.07
CA GLU A 205 -4.35 11.10 12.36
C GLU A 205 -3.85 10.00 13.30
N SER A 206 -3.54 10.37 14.55
CA SER A 206 -3.07 9.40 15.55
C SER A 206 -4.24 8.54 16.04
N ILE A 207 -5.41 9.16 16.26
CA ILE A 207 -6.61 8.42 16.68
C ILE A 207 -7.05 7.47 15.57
N TYR A 208 -7.05 7.98 14.32
CA TYR A 208 -7.39 7.23 13.11
C TYR A 208 -6.48 6.01 12.98
N PHE A 209 -5.18 6.18 13.24
CA PHE A 209 -4.21 5.09 13.19
C PHE A 209 -4.54 4.01 14.22
N VAL A 210 -4.79 4.42 15.48
CA VAL A 210 -5.12 3.50 16.57
C VAL A 210 -6.35 2.66 16.24
N VAL A 211 -7.43 3.30 15.78
CA VAL A 211 -8.64 2.59 15.42
C VAL A 211 -8.41 1.62 14.26
N VAL A 212 -7.84 2.09 13.15
CA VAL A 212 -7.55 1.26 11.98
C VAL A 212 -6.63 0.06 12.32
N THR A 213 -5.66 0.26 13.22
CA THR A 213 -4.73 -0.79 13.65
C THR A 213 -5.41 -1.82 14.56
N LEU A 214 -6.06 -1.36 15.62
CA LEU A 214 -6.69 -2.27 16.57
C LEU A 214 -7.99 -2.91 16.07
N THR A 215 -8.51 -2.48 14.90
CA THR A 215 -9.66 -3.14 14.30
C THR A 215 -9.25 -4.11 13.17
N THR A 216 -7.94 -4.39 13.01
CA THR A 216 -7.31 -5.25 12.01
C THR A 216 -7.59 -4.83 10.57
N VAL A 217 -7.99 -3.57 10.35
CA VAL A 217 -8.25 -3.09 8.99
C VAL A 217 -6.90 -2.87 8.30
N GLY A 218 -6.00 -2.17 9.00
CA GLY A 218 -4.64 -1.88 8.55
C GLY A 218 -4.50 -1.45 7.11
N PHE A 219 -4.86 -0.19 6.82
CA PHE A 219 -4.76 0.36 5.46
C PHE A 219 -3.30 0.44 4.99
N GLY A 220 -2.40 0.78 5.90
CA GLY A 220 -0.99 0.93 5.55
C GLY A 220 -0.58 2.36 5.27
N ASP A 221 -1.56 3.29 5.18
CA ASP A 221 -1.26 4.71 4.97
C ASP A 221 -0.50 5.30 6.16
N PHE A 222 -0.77 4.80 7.36
CA PHE A 222 -0.07 5.19 8.58
C PHE A 222 0.49 3.93 9.20
N VAL A 223 1.82 3.84 9.33
CA VAL A 223 2.49 2.69 9.93
C VAL A 223 3.45 3.21 10.96
N ALA A 224 3.39 2.70 12.20
CA ALA A 224 4.32 3.15 13.25
C ALA A 224 5.72 2.64 12.96
N GLY A 225 6.70 3.51 13.11
CA GLY A 225 8.10 3.16 12.85
C GLY A 225 8.42 2.98 11.39
N GLY A 226 7.89 3.87 10.56
CA GLY A 226 8.07 3.79 9.12
C GLY A 226 8.98 4.83 8.50
N ASN A 227 9.06 6.04 9.11
CA ASN A 227 9.90 7.12 8.58
C ASN A 227 11.38 6.81 8.74
N ALA A 228 12.16 6.94 7.66
CA ALA A 228 13.59 6.66 7.70
C ALA A 228 14.40 7.76 8.38
N GLY A 229 13.98 9.00 8.19
CA GLY A 229 14.66 10.18 8.73
C GLY A 229 14.81 10.24 10.24
N ILE A 230 13.76 9.87 10.99
CA ILE A 230 13.80 9.93 12.44
C ILE A 230 14.44 8.67 13.06
N ASN A 231 15.42 8.87 13.95
CA ASN A 231 16.09 7.79 14.66
C ASN A 231 15.25 7.35 15.85
N TYR A 232 14.40 6.33 15.65
CA TYR A 232 13.50 5.82 16.67
C TYR A 232 14.23 5.21 17.87
N ARG A 233 13.58 5.20 19.03
CA ARG A 233 14.14 4.60 20.25
C ARG A 233 14.16 3.07 20.14
N GLU A 234 15.01 2.42 20.94
CA GLU A 234 15.14 0.96 20.92
C GLU A 234 13.86 0.30 21.45
N TRP A 235 13.27 0.88 22.50
CA TRP A 235 12.05 0.36 23.11
C TRP A 235 10.76 0.73 22.35
N TYR A 236 10.84 1.65 21.37
CA TYR A 236 9.68 2.12 20.62
C TYR A 236 8.93 1.02 19.84
N LYS A 237 9.59 0.40 18.85
CA LYS A 237 8.97 -0.63 18.00
C LYS A 237 8.36 -1.84 18.78
N PRO A 238 9.06 -2.45 19.78
CA PRO A 238 8.43 -3.57 20.50
C PRO A 238 7.29 -3.13 21.43
N LEU A 239 7.31 -1.86 21.90
CA LEU A 239 6.22 -1.36 22.74
C LEU A 239 4.96 -1.11 21.93
N VAL A 240 5.11 -0.74 20.65
CA VAL A 240 3.98 -0.56 19.74
C VAL A 240 3.35 -1.94 19.49
N TRP A 241 4.18 -2.96 19.25
CA TRP A 241 3.68 -4.31 19.01
C TRP A 241 3.16 -4.99 20.28
N PHE A 242 3.54 -4.52 21.47
CA PHE A 242 2.96 -5.04 22.71
C PHE A 242 1.57 -4.40 22.87
N TRP A 243 1.45 -3.08 22.57
CA TRP A 243 0.19 -2.34 22.59
C TRP A 243 -0.81 -2.96 21.59
N ILE A 244 -0.32 -3.47 20.45
CA ILE A 244 -1.16 -4.11 19.45
C ILE A 244 -1.77 -5.38 20.06
N LEU A 245 -0.95 -6.21 20.73
CA LEU A 245 -1.41 -7.45 21.37
C LEU A 245 -2.53 -7.24 22.39
N VAL A 246 -2.38 -6.25 23.29
CA VAL A 246 -3.40 -5.99 24.30
C VAL A 246 -4.59 -5.16 23.75
N GLY A 247 -4.31 -4.31 22.76
CA GLY A 247 -5.31 -3.45 22.14
C GLY A 247 -6.28 -4.22 21.25
N LEU A 248 -5.78 -5.28 20.61
CA LEU A 248 -6.62 -6.12 19.76
C LEU A 248 -7.62 -6.89 20.64
N ALA A 249 -7.16 -7.38 21.80
CA ALA A 249 -8.02 -8.11 22.74
C ALA A 249 -9.08 -7.20 23.34
N TYR A 250 -8.77 -5.91 23.54
CA TYR A 250 -9.73 -4.94 24.08
C TYR A 250 -10.75 -4.57 23.02
N PHE A 251 -10.30 -4.30 21.78
CA PHE A 251 -11.21 -3.93 20.70
C PHE A 251 -12.13 -5.09 20.32
N ALA A 252 -11.69 -6.34 20.48
CA ALA A 252 -12.53 -7.51 20.20
C ALA A 252 -13.69 -7.58 21.19
N ALA A 253 -13.45 -7.20 22.46
CA ALA A 253 -14.47 -7.19 23.50
C ALA A 253 -15.47 -6.06 23.27
N VAL A 254 -14.98 -4.88 22.84
CA VAL A 254 -15.84 -3.73 22.56
C VAL A 254 -16.70 -3.98 21.32
N LEU A 255 -16.10 -4.51 20.25
CA LEU A 255 -16.85 -4.83 19.04
C LEU A 255 -17.87 -5.95 19.27
N SER A 256 -17.59 -6.86 20.22
CA SER A 256 -18.53 -7.93 20.58
C SER A 256 -19.72 -7.34 21.34
N MET A 257 -19.49 -6.31 22.17
CA MET A 257 -20.54 -5.61 22.91
C MET A 257 -21.47 -4.87 21.95
N ILE A 258 -20.90 -4.28 20.87
CA ILE A 258 -21.68 -3.59 19.86
C ILE A 258 -22.51 -4.60 19.04
N GLY A 259 -21.92 -5.75 18.75
CA GLY A 259 -22.59 -6.84 18.05
C GLY A 259 -23.72 -7.42 18.86
N ASP A 260 -23.55 -7.50 20.19
CA ASP A 260 -24.57 -7.98 21.12
C ASP A 260 -25.67 -6.93 21.28
N TRP A 261 -25.30 -5.64 21.27
CA TRP A 261 -26.22 -4.50 21.36
C TRP A 261 -27.16 -4.50 20.15
N LEU A 262 -26.62 -4.82 18.95
CA LEU A 262 -27.44 -4.87 17.73
C LEU A 262 -28.44 -6.02 17.76
N ARG A 263 -28.09 -7.14 18.41
CA ARG A 263 -28.97 -8.29 18.55
C ARG A 263 -30.11 -7.98 19.52
N VAL A 264 -29.80 -7.26 20.61
CA VAL A 264 -30.82 -6.85 21.59
C VAL A 264 -31.74 -5.78 21.01
N LEU A 265 -31.18 -4.88 20.19
CA LEU A 265 -31.93 -3.81 19.51
C LEU A 265 -32.84 -4.40 18.44
N SER A 266 -32.36 -5.43 17.72
CA SER A 266 -33.15 -6.10 16.68
C SER A 266 -34.30 -6.91 17.28
N LYS A 267 -34.08 -7.50 18.47
CA LYS A 267 -35.09 -8.31 19.17
C LYS A 267 -36.20 -7.42 19.73
N LYS A 268 -35.85 -6.22 20.21
CA LYS A 268 -36.81 -5.27 20.75
C LYS A 268 -37.65 -4.66 19.61
N THR A 269 -37.03 -4.40 18.46
CA THR A 269 -37.72 -3.83 17.29
C THR A 269 -38.61 -4.90 16.61
N LYS A 270 -38.18 -6.18 16.64
CA LYS A 270 -38.96 -7.28 16.06
C LYS A 270 -40.26 -7.49 16.83
N GLU A 271 -40.23 -7.32 18.16
CA GLU A 271 -41.42 -7.48 19.00
C GLU A 271 -42.38 -6.30 18.82
N GLU A 272 -41.84 -5.09 18.64
CA GLU A 272 -42.65 -3.89 18.46
C GLU A 272 -42.85 -3.56 16.98
N TRP B 9 -3.38 -17.69 33.63
CA TRP B 9 -2.18 -16.95 33.22
C TRP B 9 -1.01 -17.87 32.85
N LYS B 10 -0.96 -19.07 33.46
CA LYS B 10 0.10 -20.04 33.17
C LYS B 10 -0.03 -20.53 31.71
N THR B 11 -1.26 -20.75 31.25
CA THR B 11 -1.51 -21.18 29.87
C THR B 11 -1.28 -20.03 28.89
N VAL B 12 -1.68 -18.81 29.28
CA VAL B 12 -1.53 -17.60 28.48
C VAL B 12 -0.06 -17.26 28.23
N VAL B 13 0.78 -17.33 29.28
CA VAL B 13 2.20 -17.04 29.13
C VAL B 13 2.91 -18.14 28.32
N ALA B 14 2.40 -19.39 28.36
CA ALA B 14 2.96 -20.49 27.58
C ALA B 14 2.60 -20.30 26.10
N ILE B 15 1.35 -19.88 25.82
CA ILE B 15 0.89 -19.61 24.46
C ILE B 15 1.61 -18.38 23.87
N PHE B 16 1.97 -17.41 24.72
CA PHE B 16 2.68 -16.22 24.28
C PHE B 16 4.09 -16.56 23.82
N VAL B 17 4.76 -17.49 24.51
CA VAL B 17 6.10 -17.92 24.13
C VAL B 17 6.05 -18.63 22.78
N VAL B 18 5.04 -19.49 22.58
CA VAL B 18 4.82 -20.21 21.32
C VAL B 18 4.67 -19.23 20.14
N VAL B 19 3.90 -18.15 20.33
CA VAL B 19 3.69 -17.13 19.31
C VAL B 19 4.98 -16.35 19.03
N VAL B 20 5.77 -16.03 20.06
CA VAL B 20 7.04 -15.32 19.85
C VAL B 20 8.01 -16.20 19.08
N VAL B 21 8.03 -17.52 19.37
CA VAL B 21 8.88 -18.48 18.68
C VAL B 21 8.46 -18.54 17.20
N TYR B 22 7.14 -18.62 16.96
CA TYR B 22 6.55 -18.66 15.62
C TYR B 22 6.88 -17.40 14.81
N LEU B 23 6.91 -16.24 15.49
CA LEU B 23 7.22 -14.96 14.85
C LEU B 23 8.70 -14.83 14.51
N VAL B 24 9.59 -15.30 15.39
CA VAL B 24 11.02 -15.27 15.13
C VAL B 24 11.39 -16.29 14.03
N THR B 25 10.73 -17.46 14.05
CA THR B 25 10.92 -18.52 13.05
C THR B 25 10.49 -18.02 11.67
N GLY B 26 9.32 -17.39 11.60
CA GLY B 26 8.79 -16.85 10.36
C GLY B 26 9.60 -15.69 9.83
N GLY B 27 10.05 -14.83 10.73
CA GLY B 27 10.89 -13.69 10.39
C GLY B 27 12.21 -14.10 9.78
N LEU B 28 12.76 -15.25 10.21
CA LEU B 28 14.01 -15.76 9.67
C LEU B 28 13.81 -16.32 8.27
N VAL B 29 12.68 -17.03 8.04
CA VAL B 29 12.37 -17.60 6.74
C VAL B 29 12.10 -16.49 5.74
N PHE B 30 11.36 -15.46 6.15
CA PHE B 30 11.06 -14.32 5.28
C PHE B 30 12.31 -13.53 4.90
N ARG B 31 13.26 -13.39 5.84
CA ARG B 31 14.50 -12.67 5.56
C ARG B 31 15.36 -13.43 4.54
N ALA B 32 15.49 -14.75 4.74
CA ALA B 32 16.29 -15.58 3.82
C ALA B 32 15.67 -15.66 2.43
N LEU B 33 14.34 -15.60 2.34
CA LEU B 33 13.64 -15.68 1.06
C LEU B 33 13.59 -14.34 0.32
N GLU B 34 13.60 -13.21 1.05
CA GLU B 34 13.44 -11.91 0.42
C GLU B 34 14.67 -11.01 0.32
N GLN B 35 15.48 -10.92 1.38
CA GLN B 35 16.66 -10.05 1.43
C GLN B 35 17.64 -10.19 0.24
N PRO B 36 18.02 -11.41 -0.24
CA PRO B 36 18.96 -11.46 -1.38
C PRO B 36 18.35 -10.88 -2.65
N PHE B 37 17.06 -11.15 -2.92
CA PHE B 37 16.36 -10.63 -4.09
C PHE B 37 16.12 -9.12 -3.98
N GLU B 38 15.89 -8.62 -2.75
CA GLU B 38 15.69 -7.21 -2.47
C GLU B 38 16.97 -6.43 -2.73
N SER B 39 18.14 -7.00 -2.36
CA SER B 39 19.44 -6.37 -2.60
C SER B 39 19.74 -6.32 -4.09
N SER B 40 19.33 -7.35 -4.84
CA SER B 40 19.50 -7.45 -6.28
C SER B 40 18.62 -6.40 -6.98
N GLN B 41 17.37 -6.24 -6.52
CA GLN B 41 16.44 -5.27 -7.09
C GLN B 41 16.86 -3.84 -6.76
N LYS B 42 17.40 -3.61 -5.55
CA LYS B 42 17.84 -2.28 -5.16
C LYS B 42 19.13 -1.83 -5.87
N ASN B 43 19.85 -2.76 -6.51
CA ASN B 43 21.04 -2.41 -7.26
C ASN B 43 20.65 -1.96 -8.68
N THR B 44 19.69 -2.66 -9.30
CA THR B 44 19.23 -2.32 -10.63
C THR B 44 18.45 -1.00 -10.67
N ILE B 45 17.74 -0.66 -9.57
CA ILE B 45 17.01 0.61 -9.51
C ILE B 45 18.00 1.78 -9.42
N ALA B 46 19.13 1.59 -8.70
CA ALA B 46 20.17 2.59 -8.57
C ALA B 46 20.85 2.82 -9.90
N LEU B 47 21.10 1.74 -10.66
CA LEU B 47 21.72 1.78 -11.98
C LEU B 47 20.83 2.54 -12.97
N GLU B 48 19.51 2.32 -12.88
CA GLU B 48 18.54 2.99 -13.74
C GLU B 48 18.48 4.48 -13.44
N LYS B 49 18.54 4.86 -12.16
CA LYS B 49 18.55 6.26 -11.74
C LYS B 49 19.84 6.94 -12.17
N ALA B 50 20.98 6.24 -12.05
CA ALA B 50 22.27 6.78 -12.47
C ALA B 50 22.31 7.02 -13.97
N GLU B 51 21.77 6.07 -14.76
CA GLU B 51 21.72 6.20 -16.21
C GLU B 51 20.74 7.31 -16.64
N PHE B 52 19.67 7.54 -15.85
CA PHE B 52 18.73 8.61 -16.13
C PHE B 52 19.43 9.94 -15.91
N LEU B 53 20.19 10.06 -14.80
CA LEU B 53 20.92 11.30 -14.50
C LEU B 53 21.97 11.62 -15.57
N ARG B 54 22.57 10.58 -16.18
CA ARG B 54 23.54 10.76 -17.25
C ARG B 54 22.84 11.26 -18.52
N ASP B 55 21.64 10.72 -18.81
CA ASP B 55 20.85 11.10 -19.97
C ASP B 55 20.15 12.45 -19.81
N HIS B 56 20.00 12.96 -18.58
CA HIS B 56 19.35 14.23 -18.34
C HIS B 56 20.18 15.09 -17.39
N VAL B 57 21.27 15.66 -17.91
CA VAL B 57 22.23 16.48 -17.18
C VAL B 57 21.60 17.65 -16.41
N CYS B 58 20.52 18.24 -16.96
CA CYS B 58 19.82 19.36 -16.33
C CYS B 58 19.10 18.97 -15.02
N VAL B 59 19.06 17.67 -14.66
CA VAL B 59 18.43 17.20 -13.43
C VAL B 59 19.48 16.67 -12.46
N SER B 60 19.63 17.31 -11.28
CA SER B 60 20.60 16.90 -10.28
C SER B 60 20.11 15.66 -9.50
N PRO B 61 21.01 14.85 -8.91
CA PRO B 61 20.56 13.67 -8.18
C PRO B 61 19.57 13.96 -7.06
N GLN B 62 19.77 15.07 -6.32
CA GLN B 62 18.85 15.45 -5.25
C GLN B 62 17.48 15.87 -5.79
N GLU B 63 17.43 16.45 -7.00
CA GLU B 63 16.18 16.85 -7.64
C GLU B 63 15.43 15.60 -8.10
N LEU B 64 16.16 14.60 -8.64
CA LEU B 64 15.55 13.34 -9.06
C LEU B 64 15.00 12.61 -7.84
N GLU B 65 15.78 12.56 -6.75
CA GLU B 65 15.38 11.91 -5.51
C GLU B 65 14.19 12.61 -4.86
N THR B 66 14.12 13.94 -4.96
CA THR B 66 13.00 14.71 -4.43
C THR B 66 11.76 14.36 -5.23
N LEU B 67 11.87 14.30 -6.56
CA LEU B 67 10.78 13.96 -7.46
C LEU B 67 10.23 12.55 -7.19
N ILE B 68 11.13 11.56 -7.06
CA ILE B 68 10.70 10.18 -6.80
C ILE B 68 10.00 10.09 -5.45
N GLN B 69 10.57 10.72 -4.41
CA GLN B 69 9.98 10.72 -3.06
C GLN B 69 8.65 11.44 -3.05
N HIS B 70 8.56 12.57 -3.76
CA HIS B 70 7.35 13.38 -3.89
C HIS B 70 6.25 12.58 -4.57
N ALA B 71 6.58 11.76 -5.57
CA ALA B 71 5.59 10.96 -6.27
C ALA B 71 5.10 9.80 -5.40
N LEU B 72 6.00 9.18 -4.65
CA LEU B 72 5.64 8.07 -3.77
C LEU B 72 4.79 8.53 -2.60
N ASP B 73 5.15 9.66 -2.00
CA ASP B 73 4.42 10.20 -0.86
C ASP B 73 3.07 10.78 -1.27
N ALA B 74 2.95 11.31 -2.49
CA ALA B 74 1.68 11.82 -2.98
C ALA B 74 0.74 10.65 -3.25
N ASP B 75 1.27 9.55 -3.83
CA ASP B 75 0.47 8.36 -4.12
C ASP B 75 -0.04 7.75 -2.81
N ASN B 76 0.84 7.69 -1.80
CA ASN B 76 0.49 7.17 -0.48
C ASN B 76 -0.54 8.06 0.24
N ALA B 77 -0.53 9.37 -0.05
CA ALA B 77 -1.47 10.33 0.56
C ALA B 77 -2.82 10.45 -0.14
N GLY B 78 -3.09 9.63 -1.14
CA GLY B 78 -4.37 9.64 -1.81
C GLY B 78 -4.41 10.20 -3.22
N VAL B 79 -3.40 10.97 -3.61
CA VAL B 79 -3.38 11.58 -4.95
C VAL B 79 -2.42 10.84 -5.89
N SER B 80 -2.94 10.27 -6.97
CA SER B 80 -2.10 9.55 -7.93
C SER B 80 -1.28 10.51 -8.78
N PRO B 81 0.06 10.36 -8.82
CA PRO B 81 0.87 11.27 -9.63
C PRO B 81 1.00 10.86 -11.10
N ILE B 82 0.11 9.98 -11.58
CA ILE B 82 0.13 9.51 -12.96
C ILE B 82 -1.03 10.11 -13.74
N GLY B 83 -0.73 10.59 -14.95
CA GLY B 83 -1.73 11.17 -15.85
C GLY B 83 -2.08 12.60 -15.52
N ASN B 84 -3.20 13.08 -16.07
CA ASN B 84 -3.67 14.44 -15.81
C ASN B 84 -5.09 14.42 -15.23
N SER B 85 -5.92 13.45 -15.67
CA SER B 85 -7.31 13.27 -15.25
C SER B 85 -8.17 14.53 -15.38
N SER B 86 -7.95 15.30 -16.45
CA SER B 86 -8.64 16.56 -16.75
C SER B 86 -8.51 17.60 -15.65
N SER B 89 -10.06 9.66 -14.15
CA SER B 89 -10.04 8.37 -13.45
C SER B 89 -10.01 8.57 -11.93
N SER B 90 -11.15 8.97 -11.34
CA SER B 90 -11.26 9.21 -9.91
C SER B 90 -11.54 7.92 -9.16
N HIS B 91 -10.80 7.67 -8.07
CA HIS B 91 -11.07 6.49 -7.25
C HIS B 91 -12.01 6.77 -6.06
N TRP B 92 -12.71 7.91 -6.08
CA TRP B 92 -13.68 8.24 -5.04
C TRP B 92 -15.13 8.35 -5.58
N ASP B 93 -15.38 7.90 -6.82
CA ASP B 93 -16.71 7.86 -7.42
C ASP B 93 -17.55 6.81 -6.68
N LEU B 94 -18.89 6.93 -6.71
CA LEU B 94 -19.79 6.00 -6.01
C LEU B 94 -19.43 4.50 -6.15
N GLY B 95 -18.96 4.12 -7.35
CA GLY B 95 -18.55 2.75 -7.62
C GLY B 95 -17.39 2.30 -6.76
N SER B 96 -16.26 3.02 -6.83
CA SER B 96 -15.08 2.70 -6.03
C SER B 96 -15.28 2.99 -4.54
N ALA B 97 -16.16 3.96 -4.20
CA ALA B 97 -16.48 4.33 -2.82
C ALA B 97 -17.29 3.24 -2.13
N PHE B 98 -18.18 2.56 -2.88
CA PHE B 98 -18.96 1.45 -2.36
C PHE B 98 -18.03 0.29 -2.03
N PHE B 99 -17.07 0.01 -2.92
CA PHE B 99 -16.11 -1.07 -2.71
C PHE B 99 -15.10 -0.74 -1.63
N PHE B 100 -14.78 0.55 -1.43
CA PHE B 100 -13.88 0.96 -0.35
C PHE B 100 -14.59 0.72 0.98
N ALA B 101 -15.86 1.11 1.08
CA ALA B 101 -16.67 0.91 2.28
C ALA B 101 -16.73 -0.58 2.68
N GLY B 102 -16.64 -1.47 1.70
CA GLY B 102 -16.62 -2.91 1.89
C GLY B 102 -15.35 -3.36 2.59
N THR B 103 -14.19 -2.82 2.16
CA THR B 103 -12.90 -3.14 2.78
C THR B 103 -12.85 -2.74 4.26
N VAL B 104 -13.63 -1.74 4.66
CA VAL B 104 -13.70 -1.28 6.03
C VAL B 104 -14.50 -2.25 6.90
N ILE B 105 -15.72 -2.62 6.49
CA ILE B 105 -16.57 -3.52 7.27
C ILE B 105 -16.06 -4.97 7.24
N THR B 106 -15.36 -5.37 6.18
CA THR B 106 -14.79 -6.72 6.11
C THR B 106 -13.42 -6.83 6.79
N THR B 107 -12.83 -5.69 7.23
CA THR B 107 -11.50 -5.54 7.85
C THR B 107 -10.35 -5.99 6.93
N ILE B 108 -10.60 -6.10 5.61
CA ILE B 108 -9.57 -6.46 4.65
C ILE B 108 -8.63 -5.28 4.50
N GLY B 109 -9.20 -4.09 4.28
CA GLY B 109 -8.48 -2.82 4.16
C GLY B 109 -7.22 -2.86 3.33
N TYR B 110 -7.36 -2.91 2.00
CA TYR B 110 -6.20 -2.98 1.10
C TYR B 110 -5.33 -1.75 1.24
N GLY B 111 -5.95 -0.59 1.37
CA GLY B 111 -5.20 0.66 1.48
C GLY B 111 -4.96 1.39 0.18
N ASN B 112 -5.33 0.75 -0.96
CA ASN B 112 -5.21 1.34 -2.30
C ASN B 112 -6.02 2.65 -2.36
N ILE B 113 -7.19 2.67 -1.72
CA ILE B 113 -8.06 3.83 -1.56
C ILE B 113 -8.17 4.03 -0.04
N ALA B 114 -7.92 5.24 0.46
CA ALA B 114 -7.97 5.53 1.90
C ALA B 114 -8.34 7.00 2.12
N PRO B 115 -9.04 7.34 3.21
CA PRO B 115 -9.41 8.74 3.43
C PRO B 115 -8.24 9.70 3.63
N SER B 116 -8.23 10.79 2.85
CA SER B 116 -7.22 11.84 2.89
C SER B 116 -7.76 13.10 3.60
N THR B 117 -9.08 13.33 3.55
CA THR B 117 -9.74 14.47 4.20
C THR B 117 -9.88 14.20 5.69
N GLU B 118 -9.85 15.25 6.52
CA GLU B 118 -10.02 15.12 7.96
C GLU B 118 -11.42 14.56 8.28
N GLY B 119 -12.43 15.01 7.54
CA GLY B 119 -13.80 14.52 7.70
C GLY B 119 -13.97 13.06 7.33
N GLY B 120 -13.22 12.63 6.33
CA GLY B 120 -13.24 11.25 5.89
C GLY B 120 -12.61 10.30 6.89
N LYS B 121 -11.61 10.79 7.63
CA LYS B 121 -10.95 9.99 8.66
C LYS B 121 -11.86 9.82 9.87
N ILE B 122 -12.61 10.88 10.23
CA ILE B 122 -13.56 10.85 11.34
C ILE B 122 -14.70 9.89 11.02
N PHE B 123 -15.22 9.97 9.78
CA PHE B 123 -16.31 9.10 9.35
C PHE B 123 -15.87 7.65 9.29
N CYS B 124 -14.63 7.38 8.85
CA CYS B 124 -14.09 6.02 8.75
C CYS B 124 -13.95 5.36 10.12
N ILE B 125 -13.66 6.15 11.17
CA ILE B 125 -13.53 5.62 12.53
C ILE B 125 -14.90 5.12 12.99
N LEU B 126 -15.95 5.95 12.79
CA LEU B 126 -17.31 5.59 13.16
C LEU B 126 -17.89 4.47 12.30
N TYR B 127 -17.48 4.42 11.03
CA TYR B 127 -17.93 3.43 10.06
C TYR B 127 -17.46 2.04 10.43
N ALA B 128 -16.24 1.91 10.96
CA ALA B 128 -15.72 0.61 11.36
C ALA B 128 -16.30 0.17 12.71
N ILE B 129 -16.47 1.13 13.65
CA ILE B 129 -17.02 0.88 14.99
C ILE B 129 -18.37 0.16 14.92
N PHE B 130 -19.28 0.62 14.07
CA PHE B 130 -20.59 -0.02 13.94
C PHE B 130 -20.68 -0.97 12.73
N GLY B 131 -19.87 -0.74 11.72
CA GLY B 131 -19.87 -1.55 10.50
C GLY B 131 -19.26 -2.92 10.61
N ILE B 132 -18.15 -3.05 11.36
CA ILE B 132 -17.51 -4.35 11.55
C ILE B 132 -18.44 -5.34 12.29
N PRO B 133 -19.07 -4.99 13.42
CA PRO B 133 -20.00 -5.94 14.06
C PRO B 133 -21.28 -6.17 13.25
N LEU B 134 -21.71 -5.18 12.45
CA LEU B 134 -22.87 -5.31 11.57
C LEU B 134 -22.57 -6.33 10.47
N PHE B 135 -21.35 -6.29 9.92
CA PHE B 135 -20.94 -7.25 8.89
C PHE B 135 -20.75 -8.65 9.47
N GLY B 136 -20.27 -8.73 10.72
CA GLY B 136 -20.08 -10.00 11.41
C GLY B 136 -21.36 -10.80 11.55
N PHE B 137 -22.49 -10.11 11.73
CA PHE B 137 -23.80 -10.76 11.82
C PHE B 137 -24.18 -11.36 10.48
N LEU B 138 -23.87 -10.66 9.37
CA LEU B 138 -24.15 -11.12 8.00
C LEU B 138 -23.25 -12.32 7.68
N LEU B 139 -21.96 -12.24 8.02
CA LEU B 139 -21.00 -13.30 7.77
C LEU B 139 -21.34 -14.58 8.54
N ALA B 140 -21.97 -14.45 9.72
CA ALA B 140 -22.40 -15.60 10.50
C ALA B 140 -23.58 -16.30 9.79
N GLY B 141 -24.49 -15.51 9.23
CA GLY B 141 -25.65 -16.00 8.48
C GLY B 141 -25.26 -16.65 7.17
N ILE B 142 -24.22 -16.11 6.50
CA ILE B 142 -23.71 -16.69 5.26
C ILE B 142 -23.08 -18.06 5.55
N GLY B 143 -22.38 -18.18 6.67
CA GLY B 143 -21.75 -19.41 7.10
C GLY B 143 -22.77 -20.48 7.43
N ASP B 144 -23.90 -20.07 8.03
CA ASP B 144 -24.99 -20.99 8.36
C ASP B 144 -25.69 -21.48 7.09
N GLN B 145 -25.85 -20.58 6.10
CA GLN B 145 -26.47 -20.92 4.82
C GLN B 145 -25.56 -21.87 4.05
N LEU B 146 -24.23 -21.65 4.09
CA LEU B 146 -23.25 -22.52 3.43
C LEU B 146 -23.17 -23.89 4.12
N GLY B 147 -23.31 -23.90 5.45
CA GLY B 147 -23.31 -25.11 6.26
C GLY B 147 -24.57 -25.94 6.04
N THR B 148 -25.70 -25.26 5.79
CA THR B 148 -26.98 -25.91 5.50
C THR B 148 -26.95 -26.51 4.09
N ILE B 149 -26.32 -25.79 3.13
CA ILE B 149 -26.16 -26.26 1.76
C ILE B 149 -25.21 -27.47 1.75
N PHE B 150 -24.14 -27.44 2.55
CA PHE B 150 -23.23 -28.58 2.65
C PHE B 150 -23.87 -29.75 3.39
N GLY B 151 -24.69 -29.46 4.39
CA GLY B 151 -25.41 -30.47 5.16
C GLY B 151 -26.43 -31.22 4.32
N LYS B 152 -27.03 -30.52 3.33
CA LYS B 152 -27.99 -31.11 2.42
C LYS B 152 -27.27 -32.02 1.41
N SER B 153 -26.07 -31.62 0.96
CA SER B 153 -25.27 -32.39 0.01
C SER B 153 -24.63 -33.60 0.70
N ILE B 154 -24.19 -33.43 1.95
CA ILE B 154 -23.56 -34.48 2.74
C ILE B 154 -24.56 -35.56 3.17
N ALA B 155 -25.87 -35.22 3.28
CA ALA B 155 -26.92 -36.16 3.64
C ALA B 155 -27.06 -37.29 2.60
N ARG B 156 -26.68 -37.04 1.34
CA ARG B 156 -26.75 -38.07 0.30
C ARG B 156 -25.47 -38.93 0.30
N VAL B 157 -24.31 -38.31 0.59
CA VAL B 157 -23.02 -38.99 0.63
C VAL B 157 -22.91 -39.90 1.85
N GLU B 158 -23.38 -39.43 3.02
CA GLU B 158 -23.35 -40.20 4.26
C GLU B 158 -24.28 -41.42 4.24
N LYS B 159 -25.33 -41.39 3.40
CA LYS B 159 -26.25 -42.51 3.25
C LYS B 159 -25.57 -43.67 2.51
N VAL B 160 -24.69 -43.36 1.55
CA VAL B 160 -23.92 -44.35 0.82
C VAL B 160 -22.84 -44.97 1.73
N PHE B 161 -22.23 -44.14 2.57
CA PHE B 161 -21.22 -44.59 3.53
C PHE B 161 -21.83 -45.40 4.69
N ARG B 162 -23.11 -45.15 5.03
CA ARG B 162 -23.78 -45.86 6.10
C ARG B 162 -24.00 -47.32 5.73
N LYS B 163 -24.41 -47.58 4.48
CA LYS B 163 -24.61 -48.95 4.00
C LYS B 163 -23.27 -49.69 3.79
N LYS B 164 -22.17 -48.94 3.61
CA LYS B 164 -20.83 -49.52 3.45
C LYS B 164 -20.10 -49.77 4.78
N GLN B 165 -20.84 -49.78 5.91
CA GLN B 165 -20.38 -50.05 7.28
C GLN B 165 -19.16 -49.22 7.74
N VAL B 166 -19.01 -47.99 7.25
CA VAL B 166 -17.89 -47.14 7.71
C VAL B 166 -18.25 -46.57 9.08
N SER B 167 -17.31 -46.62 10.03
CA SER B 167 -17.54 -46.17 11.40
C SER B 167 -18.09 -44.74 11.50
N GLN B 168 -19.11 -44.54 12.34
CA GLN B 168 -19.81 -43.28 12.55
C GLN B 168 -18.90 -42.09 12.84
N THR B 169 -17.78 -42.32 13.54
CA THR B 169 -16.82 -41.26 13.84
C THR B 169 -16.02 -40.88 12.59
N LYS B 170 -15.66 -41.88 11.77
CA LYS B 170 -14.94 -41.69 10.51
C LYS B 170 -15.82 -41.02 9.45
N ILE B 171 -17.16 -41.14 9.55
CA ILE B 171 -18.11 -40.48 8.65
C ILE B 171 -17.93 -38.96 8.73
N ARG B 172 -17.76 -38.44 9.96
CA ARG B 172 -17.53 -37.02 10.21
C ARG B 172 -16.13 -36.60 9.72
N VAL B 173 -15.15 -37.51 9.79
CA VAL B 173 -13.77 -37.28 9.33
C VAL B 173 -13.74 -37.12 7.80
N ILE B 174 -14.44 -38.01 7.07
CA ILE B 174 -14.54 -37.94 5.62
C ILE B 174 -15.30 -36.68 5.19
N SER B 175 -16.35 -36.32 5.94
CA SER B 175 -17.18 -35.14 5.68
C SER B 175 -16.38 -33.85 5.83
N THR B 176 -15.50 -33.77 6.84
CA THR B 176 -14.68 -32.57 7.04
C THR B 176 -13.64 -32.42 5.93
N ILE B 177 -13.08 -33.53 5.45
CA ILE B 177 -12.13 -33.50 4.34
C ILE B 177 -12.84 -33.10 3.03
N LEU B 178 -14.07 -33.55 2.85
CA LEU B 178 -14.86 -33.22 1.67
C LEU B 178 -15.26 -31.75 1.70
N PHE B 179 -15.63 -31.22 2.87
CA PHE B 179 -16.00 -29.81 3.01
C PHE B 179 -14.82 -28.90 2.66
N ILE B 180 -13.63 -29.28 3.12
CA ILE B 180 -12.41 -28.53 2.86
C ILE B 180 -12.03 -28.61 1.39
N LEU B 181 -12.05 -29.82 0.80
CA LEU B 181 -11.69 -30.00 -0.61
C LEU B 181 -12.65 -29.32 -1.58
N ALA B 182 -13.96 -29.53 -1.42
CA ALA B 182 -14.96 -28.91 -2.29
C ALA B 182 -14.99 -27.38 -2.14
N GLY B 183 -14.77 -26.90 -0.92
CA GLY B 183 -14.73 -25.49 -0.65
C GLY B 183 -13.51 -24.84 -1.28
N CYS B 184 -12.37 -25.53 -1.24
CA CYS B 184 -11.14 -25.03 -1.87
C CYS B 184 -11.26 -24.93 -3.38
N ILE B 185 -12.13 -25.74 -3.98
CA ILE B 185 -12.36 -25.71 -5.41
C ILE B 185 -13.19 -24.49 -5.81
N VAL B 186 -14.39 -24.33 -5.24
CA VAL B 186 -15.27 -23.23 -5.61
C VAL B 186 -14.86 -21.86 -5.05
N PHE B 187 -14.17 -21.79 -3.90
CA PHE B 187 -13.80 -20.49 -3.33
C PHE B 187 -12.34 -20.10 -3.49
N VAL B 188 -11.45 -21.06 -3.80
CA VAL B 188 -10.03 -20.74 -3.95
C VAL B 188 -9.50 -20.98 -5.38
N THR B 189 -9.56 -22.21 -5.90
CA THR B 189 -9.00 -22.51 -7.23
C THR B 189 -9.80 -21.88 -8.37
N ILE B 190 -11.12 -22.14 -8.46
CA ILE B 190 -11.99 -21.57 -9.51
C ILE B 190 -11.85 -20.04 -9.61
N PRO B 191 -11.96 -19.25 -8.51
CA PRO B 191 -11.77 -17.80 -8.64
C PRO B 191 -10.35 -17.41 -9.06
N ALA B 192 -9.31 -18.09 -8.54
CA ALA B 192 -7.92 -17.77 -8.90
C ALA B 192 -7.62 -18.04 -10.38
N VAL B 193 -8.29 -19.04 -10.97
CA VAL B 193 -8.12 -19.33 -12.39
C VAL B 193 -8.69 -18.14 -13.20
N ILE B 194 -9.85 -17.61 -12.77
CA ILE B 194 -10.51 -16.45 -13.37
C ILE B 194 -9.62 -15.21 -13.23
N PHE B 195 -9.01 -15.01 -12.05
CA PHE B 195 -8.11 -13.89 -11.79
C PHE B 195 -6.86 -13.95 -12.65
N LYS B 196 -6.37 -15.16 -12.96
CA LYS B 196 -5.19 -15.32 -13.79
C LYS B 196 -5.51 -14.95 -15.23
N TYR B 197 -6.68 -15.38 -15.73
CA TYR B 197 -7.13 -15.09 -17.09
C TYR B 197 -7.65 -13.67 -17.29
N ILE B 198 -7.90 -12.91 -16.20
CA ILE B 198 -8.41 -11.55 -16.32
C ILE B 198 -7.36 -10.51 -15.95
N GLU B 199 -6.78 -10.60 -14.74
CA GLU B 199 -5.79 -9.62 -14.29
C GLU B 199 -4.38 -9.82 -14.83
N GLY B 200 -4.11 -10.96 -15.47
CA GLY B 200 -2.79 -11.26 -15.98
C GLY B 200 -1.78 -11.62 -14.91
N TRP B 201 -2.27 -12.12 -13.76
CA TRP B 201 -1.44 -12.56 -12.65
C TRP B 201 -1.05 -14.02 -12.87
N THR B 202 0.12 -14.43 -12.32
CA THR B 202 0.53 -15.83 -12.43
C THR B 202 -0.30 -16.72 -11.49
N ALA B 203 -0.25 -18.05 -11.67
CA ALA B 203 -1.02 -18.99 -10.85
C ALA B 203 -0.73 -18.81 -9.36
N LEU B 204 0.53 -18.53 -9.02
CA LEU B 204 0.92 -18.33 -7.63
C LEU B 204 0.41 -16.99 -7.10
N GLU B 205 0.56 -15.91 -7.89
CA GLU B 205 0.10 -14.59 -7.50
C GLU B 205 -1.43 -14.53 -7.33
N SER B 206 -2.16 -15.35 -8.10
CA SER B 206 -3.61 -15.40 -8.00
C SER B 206 -4.04 -16.14 -6.75
N ILE B 207 -3.35 -17.26 -6.42
CA ILE B 207 -3.64 -18.03 -5.21
C ILE B 207 -3.31 -17.18 -3.98
N TYR B 208 -2.15 -16.50 -4.01
CA TYR B 208 -1.67 -15.61 -2.96
C TYR B 208 -2.70 -14.51 -2.70
N PHE B 209 -3.28 -13.93 -3.77
CA PHE B 209 -4.30 -12.90 -3.66
C PHE B 209 -5.55 -13.43 -2.96
N VAL B 210 -6.04 -14.61 -3.38
CA VAL B 210 -7.23 -15.24 -2.81
C VAL B 210 -7.06 -15.47 -1.31
N VAL B 211 -5.93 -16.05 -0.91
CA VAL B 211 -5.65 -16.31 0.51
C VAL B 211 -5.59 -15.01 1.31
N VAL B 212 -4.76 -14.07 0.88
CA VAL B 212 -4.61 -12.77 1.55
C VAL B 212 -5.95 -12.01 1.68
N THR B 213 -6.79 -12.07 0.63
CA THR B 213 -8.10 -11.40 0.65
C THR B 213 -9.08 -12.07 1.60
N LEU B 214 -9.31 -13.38 1.44
CA LEU B 214 -10.27 -14.11 2.25
C LEU B 214 -9.84 -14.33 3.71
N THR B 215 -8.57 -14.07 4.03
CA THR B 215 -8.11 -14.14 5.43
C THR B 215 -8.13 -12.76 6.11
N THR B 216 -8.72 -11.72 5.44
CA THR B 216 -8.84 -10.33 5.87
C THR B 216 -7.48 -9.65 6.14
N VAL B 217 -6.38 -10.20 5.61
CA VAL B 217 -5.06 -9.59 5.80
C VAL B 217 -4.99 -8.35 4.91
N GLY B 218 -5.35 -8.52 3.64
CA GLY B 218 -5.41 -7.47 2.64
C GLY B 218 -4.21 -6.53 2.61
N PHE B 219 -3.08 -6.99 2.06
CA PHE B 219 -1.86 -6.19 1.97
C PHE B 219 -2.05 -5.00 1.05
N GLY B 220 -2.80 -5.19 -0.03
CA GLY B 220 -3.03 -4.12 -1.01
C GLY B 220 -2.08 -4.18 -2.20
N ASP B 221 -1.05 -5.04 -2.15
CA ASP B 221 -0.13 -5.21 -3.27
C ASP B 221 -0.86 -5.80 -4.50
N PHE B 222 -1.86 -6.65 -4.23
CA PHE B 222 -2.70 -7.27 -5.25
C PHE B 222 -4.13 -6.90 -4.92
N VAL B 223 -4.80 -6.17 -5.83
CA VAL B 223 -6.18 -5.74 -5.67
C VAL B 223 -6.92 -6.01 -6.99
N ALA B 224 -8.10 -6.64 -6.94
CA ALA B 224 -8.86 -6.94 -8.15
C ALA B 224 -9.54 -5.69 -8.69
N GLY B 225 -9.46 -5.50 -9.99
CA GLY B 225 -10.02 -4.34 -10.68
C GLY B 225 -9.30 -3.04 -10.39
N GLY B 226 -7.97 -3.10 -10.33
CA GLY B 226 -7.17 -1.92 -10.02
C GLY B 226 -6.37 -1.34 -11.16
N ASN B 227 -5.90 -2.21 -12.07
CA ASN B 227 -5.08 -1.74 -13.20
C ASN B 227 -5.92 -1.01 -14.24
N ALA B 228 -5.48 0.18 -14.64
CA ALA B 228 -6.21 0.98 -15.62
C ALA B 228 -5.98 0.47 -17.05
N TYR B 232 -12.16 -2.93 -17.55
CA TYR B 232 -12.78 -4.06 -16.86
C TYR B 232 -14.24 -4.25 -17.26
N ARG B 233 -14.74 -5.49 -17.16
CA ARG B 233 -16.13 -5.81 -17.48
C ARG B 233 -17.09 -5.23 -16.43
N GLU B 234 -18.35 -5.02 -16.81
CA GLU B 234 -19.36 -4.47 -15.90
C GLU B 234 -19.68 -5.44 -14.76
N TRP B 235 -19.74 -6.74 -15.07
CA TRP B 235 -20.05 -7.77 -14.09
C TRP B 235 -18.85 -8.19 -13.23
N TYR B 236 -17.62 -7.81 -13.61
CA TYR B 236 -16.42 -8.22 -12.89
C TYR B 236 -16.35 -7.76 -11.42
N LYS B 237 -16.33 -6.43 -11.17
CA LYS B 237 -16.22 -5.88 -9.82
C LYS B 237 -17.30 -6.39 -8.83
N PRO B 238 -18.62 -6.44 -9.17
CA PRO B 238 -19.59 -6.97 -8.20
C PRO B 238 -19.48 -8.47 -7.99
N LEU B 239 -19.01 -9.23 -9.00
CA LEU B 239 -18.85 -10.67 -8.86
C LEU B 239 -17.66 -10.99 -7.94
N VAL B 240 -16.61 -10.15 -7.97
CA VAL B 240 -15.44 -10.27 -7.10
C VAL B 240 -15.88 -10.02 -5.65
N TRP B 241 -16.68 -8.98 -5.44
CA TRP B 241 -17.16 -8.66 -4.10
C TRP B 241 -18.24 -9.62 -3.58
N PHE B 242 -18.94 -10.34 -4.48
CA PHE B 242 -19.87 -11.38 -4.04
C PHE B 242 -19.04 -12.58 -3.58
N TRP B 243 -17.96 -12.92 -4.31
CA TRP B 243 -17.02 -13.99 -3.97
C TRP B 243 -16.37 -13.70 -2.61
N ILE B 244 -16.11 -12.41 -2.30
CA ILE B 244 -15.52 -12.02 -1.03
C ILE B 244 -16.50 -12.37 0.10
N LEU B 245 -17.78 -12.02 -0.06
CA LEU B 245 -18.82 -12.31 0.93
C LEU B 245 -18.95 -13.80 1.28
N VAL B 246 -18.99 -14.68 0.28
CA VAL B 246 -19.10 -16.12 0.53
C VAL B 246 -17.76 -16.77 0.90
N GLY B 247 -16.67 -16.21 0.40
CA GLY B 247 -15.32 -16.71 0.65
C GLY B 247 -14.83 -16.43 2.05
N LEU B 248 -15.26 -15.28 2.61
CA LEU B 248 -14.89 -14.91 3.98
C LEU B 248 -15.54 -15.88 4.96
N ALA B 249 -16.82 -16.25 4.71
CA ALA B 249 -17.57 -17.18 5.53
C ALA B 249 -16.99 -18.60 5.46
N TYR B 250 -16.47 -18.98 4.29
CA TYR B 250 -15.84 -20.29 4.14
C TYR B 250 -14.50 -20.31 4.87
N PHE B 251 -13.69 -19.25 4.69
CA PHE B 251 -12.39 -19.19 5.35
C PHE B 251 -12.52 -19.07 6.86
N ALA B 252 -13.60 -18.45 7.36
CA ALA B 252 -13.82 -18.32 8.79
C ALA B 252 -14.05 -19.71 9.39
N ALA B 253 -14.83 -20.57 8.68
CA ALA B 253 -15.14 -21.92 9.10
C ALA B 253 -13.90 -22.80 9.08
N VAL B 254 -13.05 -22.65 8.05
CA VAL B 254 -11.81 -23.42 7.94
C VAL B 254 -10.81 -23.03 9.01
N LEU B 255 -10.64 -21.71 9.23
CA LEU B 255 -9.72 -21.23 10.27
C LEU B 255 -10.21 -21.60 11.68
N SER B 256 -11.54 -21.73 11.86
CA SER B 256 -12.11 -22.16 13.14
C SER B 256 -11.81 -23.64 13.38
N MET B 257 -11.82 -24.46 12.30
CA MET B 257 -11.50 -25.88 12.37
C MET B 257 -10.03 -26.08 12.74
N ILE B 258 -9.15 -25.23 12.21
CA ILE B 258 -7.72 -25.28 12.54
C ILE B 258 -7.49 -24.85 13.99
N GLY B 259 -8.24 -23.85 14.45
CA GLY B 259 -8.18 -23.38 15.83
C GLY B 259 -8.68 -24.42 16.81
N ASP B 260 -9.70 -25.19 16.40
CA ASP B 260 -10.26 -26.28 17.20
C ASP B 260 -9.30 -27.47 17.21
N TRP B 261 -8.64 -27.76 16.07
CA TRP B 261 -7.67 -28.85 16.00
C TRP B 261 -6.45 -28.57 16.86
N LEU B 262 -6.04 -27.29 17.00
CA LEU B 262 -4.91 -26.94 17.86
C LEU B 262 -5.27 -27.16 19.33
N ARG B 263 -6.54 -26.95 19.71
CA ARG B 263 -7.02 -27.15 21.07
C ARG B 263 -7.07 -28.65 21.41
N VAL B 264 -7.49 -29.48 20.43
CA VAL B 264 -7.54 -30.93 20.60
C VAL B 264 -6.12 -31.52 20.63
N LEU B 265 -5.21 -30.96 19.82
CA LEU B 265 -3.81 -31.38 19.76
C LEU B 265 -3.09 -31.00 21.05
N SER B 266 -3.40 -29.81 21.60
CA SER B 266 -2.78 -29.34 22.85
C SER B 266 -3.28 -30.17 24.05
N LYS B 267 -4.55 -30.60 24.03
CA LYS B 267 -5.15 -31.40 25.11
C LYS B 267 -4.58 -32.82 25.12
N LYS B 268 -4.31 -33.38 23.94
CA LYS B 268 -3.74 -34.72 23.82
C LYS B 268 -2.26 -34.71 24.25
N THR B 269 -1.54 -33.64 23.93
CA THR B 269 -0.13 -33.47 24.31
C THR B 269 0.01 -33.18 25.80
N LYS B 270 -0.95 -32.45 26.39
CA LYS B 270 -0.94 -32.13 27.82
C LYS B 270 -1.14 -33.37 28.68
N GLU B 271 -1.97 -34.32 28.21
CA GLU B 271 -2.22 -35.56 28.94
C GLU B 271 -1.02 -36.50 28.83
N GLU B 272 -0.34 -36.52 27.68
CA GLU B 272 0.82 -37.37 27.47
C GLU B 272 2.13 -36.64 27.76
N GLN C 1 -2.31 34.99 -1.63
CA GLN C 1 -0.94 35.48 -1.80
C GLN C 1 0.04 34.62 -1.01
N VAL C 2 0.85 33.80 -1.69
CA VAL C 2 1.82 32.94 -1.03
C VAL C 2 3.04 33.75 -0.58
N GLN C 3 3.34 33.74 0.73
CA GLN C 3 4.47 34.49 1.26
C GLN C 3 5.40 33.60 2.08
N LEU C 4 6.70 33.64 1.81
CA LEU C 4 7.68 32.84 2.56
C LEU C 4 8.70 33.77 3.21
N VAL C 5 8.64 33.92 4.53
CA VAL C 5 9.53 34.80 5.28
C VAL C 5 10.69 34.02 5.88
N GLU C 6 11.94 34.39 5.54
CA GLU C 6 13.10 33.67 6.06
C GLU C 6 13.81 34.36 7.19
N SER C 7 14.49 33.58 8.04
CA SER C 7 15.23 34.08 9.19
C SER C 7 16.39 33.15 9.55
N GLY C 8 17.36 33.66 10.33
CA GLY C 8 18.46 32.86 10.82
C GLY C 8 19.75 32.80 10.03
N GLY C 9 19.91 33.66 9.03
CA GLY C 9 21.12 33.69 8.23
C GLY C 9 22.20 34.56 8.84
N GLY C 10 23.09 35.08 8.00
CA GLY C 10 24.14 35.97 8.47
C GLY C 10 25.54 35.40 8.51
N LEU C 11 26.50 36.21 8.98
CA LEU C 11 27.90 35.85 9.10
C LEU C 11 28.13 34.88 10.26
N VAL C 12 28.81 33.78 9.99
CA VAL C 12 29.10 32.75 10.99
C VAL C 12 30.55 32.24 10.86
N GLN C 13 31.06 31.57 11.90
CA GLN C 13 32.42 31.02 11.88
C GLN C 13 32.43 29.59 11.33
N PRO C 14 33.50 29.18 10.63
CA PRO C 14 33.54 27.81 10.11
C PRO C 14 33.62 26.77 11.22
N GLY C 15 32.76 25.76 11.12
CA GLY C 15 32.65 24.70 12.11
C GLY C 15 31.41 24.91 12.97
N ARG C 16 31.09 26.18 13.29
CA ARG C 16 29.94 26.55 14.09
C ARG C 16 28.63 26.27 13.37
N SER C 17 27.58 25.98 14.13
CA SER C 17 26.25 25.67 13.61
C SER C 17 25.41 26.92 13.34
N LEU C 18 24.36 26.78 12.52
CA LEU C 18 23.45 27.87 12.17
C LEU C 18 22.08 27.29 11.81
N ARG C 19 20.99 28.00 12.11
CA ARG C 19 19.64 27.49 11.83
C ARG C 19 18.78 28.48 11.04
N LEU C 20 18.31 28.07 9.86
CA LEU C 20 17.44 28.89 9.04
C LEU C 20 15.97 28.48 9.24
N SER C 21 15.06 29.44 9.20
CA SER C 21 13.63 29.16 9.34
C SER C 21 12.82 29.84 8.22
N CYS C 22 11.63 29.32 7.93
CA CYS C 22 10.81 29.87 6.85
C CYS C 22 9.32 29.86 7.18
N ALA C 23 8.78 31.01 7.59
CA ALA C 23 7.37 31.17 7.91
C ALA C 23 6.54 31.20 6.62
N ALA C 24 5.75 30.15 6.37
CA ALA C 24 4.93 30.04 5.17
C ALA C 24 3.48 30.45 5.40
N SER C 25 2.84 31.00 4.36
CA SER C 25 1.46 31.45 4.42
C SER C 25 0.83 31.56 3.02
N GLY C 26 -0.49 31.52 2.95
CA GLY C 26 -1.23 31.66 1.69
C GLY C 26 -1.45 30.38 0.92
N TYR C 27 -1.18 29.22 1.53
CA TYR C 27 -1.38 27.93 0.88
C TYR C 27 -1.45 26.76 1.87
N ILE C 28 -2.00 25.62 1.44
CA ILE C 28 -2.10 24.42 2.27
C ILE C 28 -0.70 23.84 2.44
N PHE C 29 -0.07 24.19 3.56
CA PHE C 29 1.30 23.79 3.89
C PHE C 29 1.42 22.30 4.20
N SER C 30 0.41 21.72 4.85
CA SER C 30 0.41 20.32 5.27
C SER C 30 0.68 19.32 4.15
N SER C 31 0.12 19.56 2.97
CA SER C 31 0.26 18.65 1.82
C SER C 31 1.37 19.03 0.83
N ALA C 32 2.01 20.19 1.01
CA ALA C 32 3.05 20.63 0.09
C ALA C 32 4.45 20.18 0.48
N THR C 33 5.35 20.06 -0.50
CA THR C 33 6.73 19.64 -0.25
C THR C 33 7.61 20.87 -0.15
N MET C 34 8.30 21.06 0.98
CA MET C 34 9.17 22.21 1.18
C MET C 34 10.60 21.92 0.78
N ALA C 35 11.35 22.96 0.38
CA ALA C 35 12.73 22.79 -0.04
C ALA C 35 13.59 24.03 0.24
N TRP C 36 14.90 23.85 0.35
CA TRP C 36 15.84 24.95 0.56
C TRP C 36 16.86 24.93 -0.57
N TYR C 37 17.13 26.08 -1.18
CA TYR C 37 18.11 26.16 -2.28
C TYR C 37 19.25 27.13 -1.92
N ARG C 38 20.40 27.05 -2.63
CA ARG C 38 21.49 27.97 -2.37
C ARG C 38 22.12 28.50 -3.66
N GLN C 39 22.27 29.82 -3.73
CA GLN C 39 22.88 30.46 -4.90
C GLN C 39 24.28 30.91 -4.53
N ALA C 40 25.28 30.15 -4.96
CA ALA C 40 26.67 30.52 -4.71
C ALA C 40 27.06 31.63 -5.69
N PRO C 41 27.96 32.55 -5.28
CA PRO C 41 28.33 33.66 -6.17
C PRO C 41 28.79 33.24 -7.58
N GLY C 42 29.63 32.21 -7.66
CA GLY C 42 30.12 31.74 -8.95
C GLY C 42 29.46 30.48 -9.45
N LYS C 43 28.27 30.15 -8.92
CA LYS C 43 27.54 28.95 -9.33
C LYS C 43 26.03 29.23 -9.54
N GLN C 44 25.28 28.23 -10.04
CA GLN C 44 23.83 28.34 -10.27
C GLN C 44 23.02 27.89 -9.03
N ARG C 45 21.67 27.94 -9.09
CA ARG C 45 20.81 27.51 -7.97
C ARG C 45 21.02 26.02 -7.72
N GLU C 46 21.16 25.65 -6.45
CA GLU C 46 21.42 24.26 -6.10
C GLU C 46 20.45 23.81 -5.01
N LEU C 47 19.78 22.67 -5.21
CA LEU C 47 18.87 22.15 -4.19
C LEU C 47 19.68 21.64 -3.03
N VAL C 48 19.40 22.12 -1.82
CA VAL C 48 20.12 21.74 -0.62
C VAL C 48 19.40 20.61 0.12
N ALA C 49 18.13 20.81 0.45
CA ALA C 49 17.35 19.82 1.17
C ALA C 49 15.87 19.96 0.82
N SER C 50 15.09 18.89 0.99
CA SER C 50 13.66 18.93 0.71
C SER C 50 12.87 17.95 1.56
N ILE C 51 11.86 18.44 2.27
CA ILE C 51 11.02 17.57 3.10
C ILE C 51 9.62 17.46 2.50
N THR C 52 9.20 16.23 2.22
CA THR C 52 7.90 15.96 1.60
C THR C 52 6.74 16.05 2.60
N ARG C 53 5.48 16.02 2.12
CA ARG C 53 4.28 16.08 2.96
C ARG C 53 4.25 14.99 4.03
N ALA C 54 4.91 13.85 3.79
CA ALA C 54 4.98 12.77 4.77
C ALA C 54 6.28 12.80 5.61
N SER C 55 6.90 13.99 5.74
CA SER C 55 8.12 14.26 6.50
C SER C 55 9.37 13.49 6.03
N ASN C 56 9.39 12.99 4.78
CA ASN C 56 10.57 12.30 4.26
C ASN C 56 11.57 13.33 3.75
N THR C 57 12.85 13.16 4.11
CA THR C 57 13.87 14.15 3.74
C THR C 57 14.85 13.67 2.67
N VAL C 58 15.20 14.59 1.76
CA VAL C 58 16.16 14.35 0.66
C VAL C 58 17.22 15.45 0.74
N TYR C 59 18.51 15.10 0.75
CA TYR C 59 19.58 16.11 0.84
C TYR C 59 20.58 16.03 -0.30
N ALA C 60 21.29 17.14 -0.57
CA ALA C 60 22.35 17.16 -1.57
C ALA C 60 23.55 16.42 -0.98
N ASP C 61 24.34 15.74 -1.81
CA ASP C 61 25.50 14.98 -1.32
C ASP C 61 26.52 15.84 -0.58
N SER C 62 26.63 17.13 -0.95
CA SER C 62 27.56 18.05 -0.30
C SER C 62 27.13 18.44 1.12
N VAL C 63 25.82 18.40 1.40
CA VAL C 63 25.32 18.75 2.74
C VAL C 63 24.83 17.53 3.55
N LYS C 64 24.95 16.31 3.01
CA LYS C 64 24.51 15.09 3.69
C LYS C 64 25.24 14.89 5.00
N GLY C 65 24.49 14.57 6.05
CA GLY C 65 25.05 14.32 7.37
C GLY C 65 25.44 15.55 8.17
N ARG C 66 25.22 16.75 7.61
CA ARG C 66 25.55 18.00 8.29
C ARG C 66 24.31 18.87 8.40
N PHE C 67 23.53 18.97 7.32
CA PHE C 67 22.32 19.78 7.30
C PHE C 67 21.10 18.89 7.56
N THR C 68 20.11 19.42 8.26
CA THR C 68 18.90 18.66 8.58
C THR C 68 17.64 19.49 8.41
N ILE C 69 16.79 19.11 7.45
CA ILE C 69 15.53 19.80 7.19
C ILE C 69 14.40 19.18 8.01
N SER C 70 13.58 20.01 8.64
CA SER C 70 12.47 19.55 9.46
C SER C 70 11.30 20.50 9.31
N ARG C 71 10.07 19.97 9.30
CA ARG C 71 8.90 20.82 9.15
C ARG C 71 8.03 20.83 10.41
N ASP C 72 7.45 21.98 10.73
CA ASP C 72 6.58 22.13 11.87
C ASP C 72 5.23 22.57 11.30
N ASN C 73 4.40 21.61 10.89
CA ASN C 73 3.10 21.88 10.28
C ASN C 73 2.17 22.71 11.18
N GLY C 74 2.35 22.61 12.49
CA GLY C 74 1.57 23.36 13.46
C GLY C 74 1.85 24.86 13.40
N LYS C 75 3.09 25.22 13.08
CA LYS C 75 3.48 26.62 12.95
C LYS C 75 3.74 27.06 11.50
N ASN C 76 3.51 26.16 10.52
CA ASN C 76 3.71 26.39 9.08
C ASN C 76 5.13 26.89 8.79
N THR C 77 6.13 26.26 9.41
CA THR C 77 7.51 26.71 9.25
C THR C 77 8.44 25.57 8.87
N VAL C 78 9.30 25.78 7.86
CA VAL C 78 10.28 24.78 7.47
C VAL C 78 11.67 25.23 7.94
N TYR C 79 12.42 24.34 8.59
CA TYR C 79 13.73 24.67 9.15
C TYR C 79 14.87 24.00 8.39
N LEU C 80 16.08 24.56 8.49
CA LEU C 80 17.28 24.00 7.89
C LEU C 80 18.42 24.09 8.90
N GLN C 81 18.67 23.02 9.65
CA GLN C 81 19.71 22.98 10.68
C GLN C 81 21.07 22.72 10.04
N MET C 82 21.82 23.78 9.74
CA MET C 82 23.13 23.69 9.12
C MET C 82 24.25 23.56 10.14
N ASN C 83 24.76 22.35 10.36
CA ASN C 83 25.83 22.11 11.32
C ASN C 83 27.18 21.87 10.64
N SER C 84 28.29 22.13 11.36
CA SER C 84 29.66 21.98 10.85
C SER C 84 29.87 22.69 9.53
N LEU C 85 29.54 23.99 9.50
CA LEU C 85 29.62 24.81 8.30
C LEU C 85 31.03 24.99 7.75
N LYS C 86 31.18 24.76 6.45
CA LYS C 86 32.45 24.91 5.75
C LYS C 86 32.39 26.20 4.90
N PRO C 87 33.54 26.82 4.57
CA PRO C 87 33.50 28.03 3.72
C PRO C 87 32.81 27.82 2.36
N GLU C 88 32.64 26.55 1.95
CA GLU C 88 31.94 26.20 0.71
C GLU C 88 30.42 26.44 0.80
N ASP C 89 29.85 26.60 2.02
CA ASP C 89 28.42 26.84 2.20
C ASP C 89 28.03 28.33 2.12
N THR C 90 28.98 29.23 1.82
CA THR C 90 28.69 30.65 1.70
C THR C 90 27.87 30.86 0.44
N ALA C 91 26.56 31.09 0.61
CA ALA C 91 25.61 31.27 -0.51
C ALA C 91 24.30 31.95 -0.03
N VAL C 92 23.44 32.42 -0.96
CA VAL C 92 22.16 33.00 -0.58
C VAL C 92 21.19 31.85 -0.49
N TYR C 93 20.57 31.62 0.66
CA TYR C 93 19.63 30.51 0.84
C TYR C 93 18.19 30.92 0.61
N TYR C 94 17.49 30.21 -0.28
CA TYR C 94 16.09 30.51 -0.59
C TYR C 94 15.18 29.41 -0.09
N CYS C 95 14.02 29.79 0.41
CA CYS C 95 13.00 28.87 0.87
C CYS C 95 12.04 28.68 -0.30
N ASN C 96 11.74 27.44 -0.64
CA ASN C 96 10.91 27.15 -1.80
C ASN C 96 9.82 26.14 -1.51
N VAL C 97 8.71 26.25 -2.23
CA VAL C 97 7.62 25.29 -2.19
C VAL C 97 7.92 24.43 -3.41
N TRP C 98 8.66 23.33 -3.22
CA TRP C 98 9.15 22.46 -4.30
C TRP C 98 8.15 22.21 -5.43
N SER C 99 8.57 22.59 -6.65
CA SER C 99 7.85 22.47 -7.91
C SER C 99 6.56 23.28 -7.96
N ARG C 100 6.53 24.42 -7.26
CA ARG C 100 5.38 25.31 -7.30
C ARG C 100 5.73 26.77 -7.67
N GLY C 101 7.02 27.08 -7.82
CA GLY C 101 7.48 28.40 -8.22
C GLY C 101 7.37 29.47 -7.16
N TYR C 102 7.12 29.08 -5.90
CA TYR C 102 7.00 30.04 -4.81
C TYR C 102 8.33 30.14 -4.09
N TRP C 103 8.96 31.30 -4.13
CA TRP C 103 10.26 31.48 -3.51
C TRP C 103 10.28 32.57 -2.46
N GLY C 104 11.23 32.49 -1.54
CA GLY C 104 11.42 33.51 -0.52
C GLY C 104 12.31 34.64 -1.02
N GLN C 105 12.66 35.59 -0.14
CA GLN C 105 13.52 36.71 -0.53
C GLN C 105 14.99 36.29 -0.67
N GLY C 106 15.43 35.39 0.20
CA GLY C 106 16.80 34.90 0.19
C GLY C 106 17.64 35.46 1.31
N THR C 107 18.16 34.58 2.17
CA THR C 107 19.00 35.03 3.28
C THR C 107 20.46 34.66 3.06
N GLN C 108 21.33 35.67 3.05
CA GLN C 108 22.75 35.46 2.83
C GLN C 108 23.40 34.81 4.04
N VAL C 109 24.01 33.64 3.81
CA VAL C 109 24.74 32.94 4.85
C VAL C 109 26.21 33.03 4.46
N THR C 110 27.04 33.65 5.31
CA THR C 110 28.47 33.79 5.01
C THR C 110 29.33 33.04 6.01
N VAL C 111 30.11 32.07 5.54
CA VAL C 111 30.98 31.28 6.40
C VAL C 111 32.44 31.62 6.14
N SER C 112 33.09 32.34 7.07
CA SER C 112 34.49 32.71 6.90
C SER C 112 35.17 32.87 8.26
N GLN D 1 25.62 -10.76 -22.44
CA GLN D 1 25.56 -9.87 -23.59
C GLN D 1 24.10 -9.53 -23.93
N VAL D 2 23.68 -8.29 -23.66
CA VAL D 2 22.31 -7.85 -23.95
C VAL D 2 22.12 -7.58 -25.43
N GLN D 3 21.18 -8.30 -26.08
CA GLN D 3 20.94 -8.10 -27.50
C GLN D 3 19.46 -7.81 -27.78
N LEU D 4 19.19 -6.77 -28.60
CA LEU D 4 17.83 -6.37 -28.95
C LEU D 4 17.66 -6.43 -30.46
N VAL D 5 16.92 -7.42 -30.97
CA VAL D 5 16.70 -7.60 -32.40
C VAL D 5 15.35 -7.03 -32.83
N GLU D 6 15.34 -6.06 -33.76
CA GLU D 6 14.11 -5.44 -34.21
C GLU D 6 13.57 -5.97 -35.54
N SER D 7 12.24 -5.86 -35.74
CA SER D 7 11.58 -6.31 -36.96
C SER D 7 10.26 -5.56 -37.21
N GLY D 8 9.74 -5.61 -38.44
CA GLY D 8 8.46 -5.01 -38.78
C GLY D 8 8.43 -3.60 -39.32
N GLY D 9 9.57 -3.07 -39.70
CA GLY D 9 9.65 -1.72 -40.25
C GLY D 9 9.42 -1.67 -41.75
N GLY D 10 9.96 -0.65 -42.40
CA GLY D 10 9.86 -0.52 -43.85
C GLY D 10 8.92 0.56 -44.36
N LEU D 11 8.81 0.66 -45.69
CA LEU D 11 7.95 1.63 -46.36
C LEU D 11 6.47 1.25 -46.25
N VAL D 12 5.65 2.21 -45.82
CA VAL D 12 4.21 2.01 -45.64
C VAL D 12 3.41 3.21 -46.16
N GLN D 13 2.10 3.03 -46.37
CA GLN D 13 1.24 4.11 -46.87
C GLN D 13 0.63 4.89 -45.70
N PRO D 14 0.40 6.22 -45.86
CA PRO D 14 -0.19 7.00 -44.75
C PRO D 14 -1.62 6.57 -44.47
N GLY D 15 -1.91 6.35 -43.21
CA GLY D 15 -3.21 5.88 -42.75
C GLY D 15 -3.17 4.41 -42.39
N ARG D 16 -2.39 3.63 -43.16
CA ARG D 16 -2.23 2.18 -42.95
C ARG D 16 -1.45 1.88 -41.68
N SER D 17 -1.74 0.74 -41.06
CA SER D 17 -1.11 0.30 -39.82
C SER D 17 0.22 -0.44 -40.07
N LEU D 18 1.05 -0.54 -39.02
CA LEU D 18 2.34 -1.21 -39.05
C LEU D 18 2.71 -1.71 -37.65
N ARG D 19 3.41 -2.85 -37.54
CA ARG D 19 3.76 -3.41 -36.24
C ARG D 19 5.25 -3.71 -36.08
N LEU D 20 5.89 -3.10 -35.07
CA LEU D 20 7.30 -3.33 -34.78
C LEU D 20 7.47 -4.33 -33.63
N SER D 21 8.49 -5.18 -33.69
CA SER D 21 8.75 -6.15 -32.62
C SER D 21 10.22 -6.10 -32.18
N CYS D 22 10.51 -6.54 -30.95
CA CYS D 22 11.86 -6.51 -30.42
C CYS D 22 12.21 -7.72 -29.56
N ALA D 23 12.94 -8.68 -30.14
CA ALA D 23 13.38 -9.88 -29.45
C ALA D 23 14.53 -9.54 -28.50
N ALA D 24 14.27 -9.61 -27.19
CA ALA D 24 15.27 -9.29 -26.17
C ALA D 24 15.95 -10.52 -25.59
N SER D 25 17.21 -10.38 -25.18
CA SER D 25 18.00 -11.47 -24.61
C SER D 25 19.18 -10.94 -23.79
N GLY D 26 19.70 -11.77 -22.89
CA GLY D 26 20.85 -11.42 -22.06
C GLY D 26 20.55 -10.68 -20.78
N TYR D 27 19.27 -10.61 -20.38
CA TYR D 27 18.87 -9.93 -19.15
C TYR D 27 17.47 -10.35 -18.67
N ILE D 28 17.16 -10.10 -17.39
CA ILE D 28 15.84 -10.40 -16.83
C ILE D 28 14.83 -9.42 -17.40
N PHE D 29 14.10 -9.86 -18.43
CA PHE D 29 13.11 -9.07 -19.17
C PHE D 29 11.87 -8.75 -18.33
N SER D 30 11.39 -9.71 -17.55
CA SER D 30 10.18 -9.58 -16.73
C SER D 30 10.15 -8.35 -15.81
N SER D 31 11.28 -8.04 -15.17
CA SER D 31 11.35 -6.91 -14.24
C SER D 31 11.84 -5.59 -14.86
N ALA D 32 12.26 -5.60 -16.13
CA ALA D 32 12.78 -4.40 -16.78
C ALA D 32 11.70 -3.61 -17.51
N THR D 33 11.90 -2.30 -17.67
CA THR D 33 10.96 -1.44 -18.37
C THR D 33 11.40 -1.26 -19.82
N MET D 34 10.55 -1.63 -20.78
CA MET D 34 10.89 -1.52 -22.20
C MET D 34 10.41 -0.21 -22.79
N ALA D 35 11.09 0.27 -23.84
CA ALA D 35 10.72 1.53 -24.48
C ALA D 35 11.07 1.56 -25.97
N TRP D 36 10.39 2.41 -26.74
CA TRP D 36 10.65 2.57 -28.16
C TRP D 36 10.97 4.04 -28.42
N TYR D 37 12.02 4.31 -29.18
CA TYR D 37 12.41 5.68 -29.50
C TYR D 37 12.42 5.91 -31.02
N ARG D 38 12.39 7.19 -31.47
CA ARG D 38 12.43 7.47 -32.90
C ARG D 38 13.38 8.61 -33.24
N GLN D 39 14.27 8.39 -34.21
CA GLN D 39 15.23 9.38 -34.65
C GLN D 39 14.79 9.95 -35.99
N ALA D 40 14.17 11.13 -35.97
CA ALA D 40 13.74 11.78 -37.20
C ALA D 40 14.98 12.37 -37.89
N PRO D 41 15.01 12.42 -39.23
CA PRO D 41 16.19 12.95 -39.93
C PRO D 41 16.65 14.34 -39.47
N GLY D 42 15.72 15.26 -39.29
CA GLY D 42 16.05 16.62 -38.87
C GLY D 42 15.78 16.90 -37.40
N LYS D 43 15.64 15.85 -36.58
CA LYS D 43 15.37 16.00 -35.15
C LYS D 43 16.22 15.04 -34.29
N GLN D 44 16.15 15.19 -32.94
CA GLN D 44 16.88 14.35 -31.99
C GLN D 44 16.08 13.09 -31.59
N ARG D 45 16.66 12.23 -30.72
CA ARG D 45 15.96 11.02 -30.24
C ARG D 45 14.72 11.41 -29.45
N GLU D 46 13.61 10.75 -29.71
CA GLU D 46 12.35 11.07 -29.05
C GLU D 46 11.70 9.81 -28.49
N LEU D 47 11.30 9.82 -27.20
CA LEU D 47 10.64 8.67 -26.61
C LEU D 47 9.24 8.54 -27.20
N VAL D 48 8.90 7.37 -27.72
CA VAL D 48 7.61 7.12 -28.36
C VAL D 48 6.65 6.44 -27.37
N ALA D 49 7.06 5.33 -26.78
CA ALA D 49 6.23 4.58 -25.85
C ALA D 49 7.09 3.80 -24.87
N SER D 50 6.55 3.47 -23.69
CA SER D 50 7.29 2.71 -22.70
C SER D 50 6.37 1.86 -21.81
N ILE D 51 6.63 0.55 -21.75
CA ILE D 51 5.86 -0.35 -20.92
C ILE D 51 6.68 -0.81 -19.72
N THR D 52 6.17 -0.54 -18.51
CA THR D 52 6.86 -0.88 -17.27
C THR D 52 6.71 -2.38 -16.92
N ARG D 53 7.46 -2.86 -15.91
CA ARG D 53 7.42 -4.26 -15.48
C ARG D 53 6.01 -4.73 -15.08
N ALA D 54 5.14 -3.80 -14.65
CA ALA D 54 3.77 -4.13 -14.28
C ALA D 54 2.77 -3.87 -15.42
N SER D 55 3.25 -3.90 -16.68
CA SER D 55 2.50 -3.70 -17.92
C SER D 55 1.81 -2.33 -18.05
N ASN D 56 2.25 -1.31 -17.30
CA ASN D 56 1.66 0.02 -17.41
C ASN D 56 2.33 0.76 -18.58
N THR D 57 1.53 1.41 -19.42
CA THR D 57 2.05 2.07 -20.61
C THR D 57 2.04 3.60 -20.56
N VAL D 58 3.12 4.21 -21.08
CA VAL D 58 3.28 5.67 -21.15
C VAL D 58 3.58 6.02 -22.61
N TYR D 59 2.87 6.98 -23.21
CA TYR D 59 3.09 7.33 -24.61
C TYR D 59 3.41 8.81 -24.82
N ALA D 60 4.04 9.13 -25.96
CA ALA D 60 4.30 10.50 -26.34
C ALA D 60 2.96 11.12 -26.74
N ASP D 61 2.77 12.44 -26.54
CA ASP D 61 1.52 13.10 -26.90
C ASP D 61 1.24 13.02 -28.40
N SER D 62 2.29 12.99 -29.24
CA SER D 62 2.15 12.90 -30.69
C SER D 62 1.67 11.52 -31.16
N VAL D 63 1.94 10.46 -30.39
CA VAL D 63 1.51 9.11 -30.76
C VAL D 63 0.38 8.56 -29.89
N LYS D 64 -0.15 9.37 -28.94
CA LYS D 64 -1.23 8.94 -28.06
C LYS D 64 -2.49 8.59 -28.84
N GLY D 65 -3.09 7.46 -28.50
CA GLY D 65 -4.31 6.99 -29.13
C GLY D 65 -4.13 6.35 -30.49
N ARG D 66 -2.90 6.25 -30.99
CA ARG D 66 -2.62 5.65 -32.29
C ARG D 66 -1.63 4.50 -32.13
N PHE D 67 -0.59 4.71 -31.32
CA PHE D 67 0.43 3.68 -31.09
C PHE D 67 0.11 2.93 -29.81
N THR D 68 0.39 1.62 -29.77
CA THR D 68 0.13 0.81 -28.59
C THR D 68 1.28 -0.15 -28.28
N ILE D 69 1.96 0.07 -27.15
CA ILE D 69 3.07 -0.79 -26.73
C ILE D 69 2.55 -1.93 -25.86
N SER D 70 3.02 -3.15 -26.13
CA SER D 70 2.59 -4.33 -25.38
C SER D 70 3.78 -5.28 -25.22
N ARG D 71 3.88 -5.93 -24.06
CA ARG D 71 4.99 -6.85 -23.82
C ARG D 71 4.53 -8.29 -23.69
N ASP D 72 5.34 -9.21 -24.23
CA ASP D 72 5.04 -10.64 -24.16
C ASP D 72 6.19 -11.26 -23.39
N ASN D 73 6.11 -11.25 -22.05
CA ASN D 73 7.16 -11.79 -21.18
C ASN D 73 7.50 -13.26 -21.45
N GLY D 74 6.53 -14.01 -21.97
CA GLY D 74 6.73 -15.41 -22.31
C GLY D 74 7.69 -15.59 -23.47
N LYS D 75 7.66 -14.65 -24.42
CA LYS D 75 8.56 -14.70 -25.57
C LYS D 75 9.68 -13.64 -25.53
N ASN D 76 9.77 -12.85 -24.43
CA ASN D 76 10.73 -11.77 -24.21
C ASN D 76 10.75 -10.79 -25.39
N THR D 77 9.56 -10.37 -25.83
CA THR D 77 9.45 -9.48 -26.97
C THR D 77 8.56 -8.27 -26.65
N VAL D 78 9.02 -7.07 -27.01
CA VAL D 78 8.23 -5.86 -26.82
C VAL D 78 7.72 -5.39 -28.19
N TYR D 79 6.41 -5.10 -28.30
CA TYR D 79 5.80 -4.70 -29.55
C TYR D 79 5.37 -3.23 -29.58
N LEU D 80 5.22 -2.68 -30.78
CA LEU D 80 4.74 -1.31 -30.94
C LEU D 80 3.76 -1.30 -32.11
N GLN D 81 2.47 -1.30 -31.78
CA GLN D 81 1.41 -1.31 -32.78
C GLN D 81 1.13 0.12 -33.26
N MET D 82 1.74 0.50 -34.37
CA MET D 82 1.59 1.84 -34.94
C MET D 82 0.42 1.90 -35.91
N ASN D 83 -0.72 2.47 -35.48
CA ASN D 83 -1.90 2.59 -36.33
C ASN D 83 -2.12 4.02 -36.79
N SER D 84 -2.81 4.20 -37.94
CA SER D 84 -3.11 5.51 -38.54
C SER D 84 -1.86 6.36 -38.70
N LEU D 85 -0.85 5.79 -39.37
CA LEU D 85 0.44 6.44 -39.57
C LEU D 85 0.39 7.72 -40.40
N LYS D 86 1.01 8.78 -39.90
CA LYS D 86 1.09 10.06 -40.58
C LYS D 86 2.51 10.24 -41.14
N PRO D 87 2.70 11.07 -42.18
CA PRO D 87 4.08 11.28 -42.70
C PRO D 87 5.07 11.81 -41.65
N GLU D 88 4.57 12.33 -40.53
CA GLU D 88 5.39 12.81 -39.43
C GLU D 88 6.06 11.66 -38.64
N ASP D 89 5.59 10.40 -38.80
CA ASP D 89 6.17 9.25 -38.11
C ASP D 89 7.36 8.62 -38.86
N THR D 90 7.79 9.21 -39.98
CA THR D 90 8.94 8.70 -40.74
C THR D 90 10.20 8.94 -39.93
N ALA D 91 10.73 7.90 -39.30
CA ALA D 91 11.92 7.97 -38.45
C ALA D 91 12.53 6.56 -38.21
N VAL D 92 13.77 6.49 -37.69
CA VAL D 92 14.40 5.20 -37.39
C VAL D 92 13.94 4.84 -35.98
N TYR D 93 13.27 3.69 -35.82
CA TYR D 93 12.78 3.29 -34.51
C TYR D 93 13.75 2.37 -33.77
N TYR D 94 14.11 2.73 -32.54
CA TYR D 94 15.03 1.94 -31.73
C TYR D 94 14.33 1.31 -30.55
N CYS D 95 14.70 0.09 -30.22
CA CYS D 95 14.17 -0.65 -29.10
C CYS D 95 15.14 -0.42 -27.95
N ASN D 96 14.63 -0.02 -26.79
CA ASN D 96 15.47 0.31 -25.65
C ASN D 96 15.01 -0.33 -24.36
N VAL D 97 15.95 -0.58 -23.46
CA VAL D 97 15.68 -1.08 -22.12
C VAL D 97 15.76 0.21 -21.32
N TRP D 98 14.62 0.89 -21.11
CA TRP D 98 14.52 2.20 -20.47
C TRP D 98 15.44 2.39 -19.26
N SER D 99 16.31 3.43 -19.36
CA SER D 99 17.31 3.84 -18.38
C SER D 99 18.36 2.79 -18.08
N ARG D 100 18.70 1.98 -19.08
CA ARG D 100 19.77 0.98 -18.92
C ARG D 100 20.86 1.08 -20.00
N GLY D 101 20.68 1.95 -20.99
CA GLY D 101 21.66 2.15 -22.05
C GLY D 101 21.76 1.04 -23.07
N TYR D 102 20.80 0.10 -23.08
CA TYR D 102 20.81 -0.99 -24.03
C TYR D 102 19.91 -0.64 -25.21
N TRP D 103 20.50 -0.54 -26.40
CA TRP D 103 19.75 -0.16 -27.59
C TRP D 103 19.83 -1.20 -28.70
N GLY D 104 18.84 -1.19 -29.58
CA GLY D 104 18.83 -2.10 -30.73
C GLY D 104 19.58 -1.51 -31.91
N GLN D 105 19.39 -2.10 -33.09
CA GLN D 105 20.08 -1.61 -34.30
C GLN D 105 19.33 -0.43 -34.93
N GLY D 106 18.01 -0.48 -34.92
CA GLY D 106 17.18 0.57 -35.48
C GLY D 106 16.54 0.19 -36.80
N THR D 107 15.20 0.16 -36.86
CA THR D 107 14.50 -0.18 -38.09
C THR D 107 13.80 1.04 -38.69
N GLN D 108 14.18 1.40 -39.93
CA GLN D 108 13.65 2.55 -40.64
C GLN D 108 12.19 2.35 -41.03
N VAL D 109 11.30 3.24 -40.55
CA VAL D 109 9.89 3.20 -40.88
C VAL D 109 9.61 4.44 -41.73
N THR D 110 9.24 4.25 -43.00
CA THR D 110 8.99 5.38 -43.89
C THR D 110 7.52 5.48 -44.28
N VAL D 111 6.88 6.61 -43.95
CA VAL D 111 5.47 6.83 -44.24
C VAL D 111 5.33 7.90 -45.34
N SER D 112 4.95 7.49 -46.55
CA SER D 112 4.79 8.43 -47.65
C SER D 112 3.77 7.92 -48.66
#